data_4B42
#
_entry.id   4B42
#
_cell.length_a   64.150
_cell.length_b   153.400
_cell.length_c   134.670
_cell.angle_alpha   90.00
_cell.angle_beta   92.54
_cell.angle_gamma   90.00
#
_symmetry.space_group_name_H-M   'C 1 2 1'
#
loop_
_entity.id
_entity.type
_entity.pdbx_description
1 polymer 'GLUCOSE-1-PHOSPHATE THYMIDYLYLTRANSFERASE'
2 non-polymer N-[6-azanyl-1-butyl-2,4-bis(oxidanylidene)pyrimidin-5-yl]-N-methyl-benzamide
3 non-polymer 'CHLORIDE ION'
4 non-polymer '2-(N-MORPHOLINO)-ETHANESULFONIC ACID'
5 water water
#
_entity_poly.entity_id   1
_entity_poly.type   'polypeptide(L)'
_entity_poly.pdbx_seq_one_letter_code
;HHHHHHGSMAMKRKGIILAGGSGTRLHPATLAISKQLLPVYDKPMIYYPLSTLMLAGIREILIISTPQDTPRFQQLLGDG
SNWGLDLQYAVQPSPDGLAQAFLIGESFIGNDLSALVLGDNLYYGHDFHELLGSASQRQTGASVFAYHVLDPERYGVVEF
DQGGKAISLEEKPLEPKSNYAVTGLYFYDQQVVDIARDLKPSPRGELEITDVNRAYLERGQLSVEIMGRGYAWLDTGTHD
SLLEAGQFIATLENRQGLKVACPEEIAYRQKWIDAAQLEKLAAPLAKNGYGQYLKRLLTETVY
;
_entity_poly.pdbx_strand_id   A,B,C,D
#
loop_
_chem_comp.id
_chem_comp.type
_chem_comp.name
_chem_comp.formula
942 non-polymer N-[6-azanyl-1-butyl-2,4-bis(oxidanylidene)pyrimidin-5-yl]-N-methyl-benzamide 'C16 H20 N4 O3'
CL non-polymer 'CHLORIDE ION' 'Cl -1'
MES non-polymer '2-(N-MORPHOLINO)-ETHANESULFONIC ACID' 'C6 H13 N O4 S'
#
# COMPACT_ATOMS: atom_id res chain seq x y z
N MET A 11 -16.88 -6.20 -24.84
CA MET A 11 -16.39 -5.18 -23.85
C MET A 11 -16.10 -5.74 -22.45
N LYS A 12 -15.06 -5.18 -21.80
CA LYS A 12 -14.60 -5.62 -20.46
C LYS A 12 -15.06 -4.75 -19.27
N ARG A 13 -15.25 -5.43 -18.15
CA ARG A 13 -15.82 -4.80 -16.97
C ARG A 13 -14.76 -4.63 -15.88
N LYS A 14 -14.74 -3.44 -15.28
CA LYS A 14 -13.83 -3.10 -14.20
C LYS A 14 -14.60 -3.24 -12.90
N GLY A 15 -13.92 -3.66 -11.84
CA GLY A 15 -14.55 -3.78 -10.50
C GLY A 15 -14.07 -2.78 -9.45
N ILE A 16 -14.97 -2.40 -8.57
CA ILE A 16 -14.61 -1.57 -7.44
C ILE A 16 -15.13 -2.24 -6.19
N ILE A 17 -14.24 -2.42 -5.21
CA ILE A 17 -14.62 -2.81 -3.88
C ILE A 17 -14.49 -1.62 -2.96
N LEU A 18 -15.61 -1.14 -2.45
CA LEU A 18 -15.53 -0.06 -1.48
C LEU A 18 -15.36 -0.63 -0.09
N ALA A 19 -14.15 -0.48 0.49
CA ALA A 19 -13.86 -0.92 1.85
C ALA A 19 -13.40 0.24 2.74
N GLY A 20 -14.30 1.19 3.01
CA GLY A 20 -13.98 2.46 3.64
C GLY A 20 -14.21 2.50 5.13
N GLY A 21 -14.47 3.70 5.65
CA GLY A 21 -14.76 3.87 7.08
C GLY A 21 -16.21 3.52 7.39
N SER A 22 -16.44 2.59 8.34
CA SER A 22 -17.81 2.34 8.88
C SER A 22 -18.12 3.32 10.01
N GLY A 23 -17.42 4.46 9.94
CA GLY A 23 -17.48 5.47 10.95
C GLY A 23 -17.10 4.94 12.33
N THR A 24 -17.87 5.34 13.35
CA THR A 24 -17.71 4.88 14.72
C THR A 24 -18.76 3.81 15.12
N ARG A 25 -19.58 3.36 14.17
CA ARG A 25 -20.72 2.51 14.46
C ARG A 25 -20.32 1.23 15.20
N LEU A 26 -19.15 0.70 14.86
CA LEU A 26 -18.67 -0.54 15.46
C LEU A 26 -17.42 -0.32 16.30
N HIS A 27 -17.19 0.93 16.68
CA HIS A 27 -16.21 1.23 17.70
C HIS A 27 -16.73 0.72 19.02
N PRO A 28 -15.82 0.16 19.85
CA PRO A 28 -14.37 0.14 19.69
C PRO A 28 -13.76 -1.11 19.05
N ALA A 29 -14.54 -2.16 18.85
CA ALA A 29 -14.13 -3.29 18.04
C ALA A 29 -13.25 -2.90 16.83
N THR A 30 -13.66 -1.84 16.15
CA THR A 30 -13.01 -1.41 14.96
C THR A 30 -12.14 -0.16 15.10
N LEU A 31 -11.66 0.14 16.31
CA LEU A 31 -10.85 1.37 16.49
C LEU A 31 -9.46 1.13 15.84
N ALA A 32 -8.83 -0.02 16.10
CA ALA A 32 -7.49 -0.33 15.58
C ALA A 32 -7.44 -0.68 14.09
N ILE A 33 -8.56 -1.09 13.52
CA ILE A 33 -8.55 -1.59 12.12
C ILE A 33 -9.90 -1.56 11.44
N SER A 34 -9.90 -1.33 10.13
CA SER A 34 -11.16 -1.18 9.45
C SER A 34 -11.82 -2.56 9.28
N LYS A 35 -13.14 -2.49 9.36
CA LYS A 35 -13.97 -3.66 9.43
C LYS A 35 -13.60 -4.69 8.40
N GLN A 36 -13.25 -4.26 7.18
CA GLN A 36 -13.09 -5.20 6.05
C GLN A 36 -11.79 -5.97 6.07
N LEU A 37 -10.96 -5.72 7.10
CA LEU A 37 -9.77 -6.55 7.39
C LEU A 37 -10.00 -7.55 8.51
N LEU A 38 -11.12 -7.42 9.23
CA LEU A 38 -11.46 -8.39 10.25
C LEU A 38 -11.73 -9.73 9.58
N PRO A 39 -11.24 -10.83 10.12
CA PRO A 39 -11.56 -12.07 9.46
C PRO A 39 -12.99 -12.45 9.72
N VAL A 40 -13.63 -13.06 8.72
CA VAL A 40 -14.83 -13.88 8.95
C VAL A 40 -14.41 -15.33 8.90
N TYR A 41 -14.46 -15.96 10.07
CA TYR A 41 -13.93 -17.30 10.30
C TYR A 41 -12.49 -17.38 9.89
N ASP A 42 -12.17 -18.09 8.80
CA ASP A 42 -10.78 -18.45 8.52
C ASP A 42 -10.05 -17.41 7.63
N LYS A 43 -10.73 -16.33 7.20
CA LYS A 43 -10.14 -15.46 6.21
C LYS A 43 -10.69 -14.04 6.30
N PRO A 44 -9.92 -13.07 5.78
CA PRO A 44 -10.31 -11.68 5.95
C PRO A 44 -11.59 -11.41 5.24
N MET A 45 -12.38 -10.49 5.78
CA MET A 45 -13.64 -10.13 5.19
C MET A 45 -13.58 -9.84 3.70
N ILE A 46 -12.55 -9.12 3.27
CA ILE A 46 -12.54 -8.54 1.94
C ILE A 46 -12.36 -9.65 0.97
N TYR A 47 -11.78 -10.77 1.41
CA TYR A 47 -11.68 -11.94 0.49
C TYR A 47 -13.04 -12.32 -0.12
N TYR A 48 -14.14 -12.15 0.66
CA TYR A 48 -15.47 -12.62 0.16
C TYR A 48 -16.05 -11.81 -1.01
N PRO A 49 -16.10 -10.47 -0.91
CA PRO A 49 -16.54 -9.72 -2.09
C PRO A 49 -15.54 -9.78 -3.25
N LEU A 50 -14.24 -9.76 -2.98
CA LEU A 50 -13.25 -9.93 -4.02
C LEU A 50 -13.53 -11.23 -4.74
N SER A 51 -13.77 -12.33 -3.99
CA SER A 51 -14.02 -13.61 -4.70
C SER A 51 -15.28 -13.47 -5.58
N THR A 52 -16.21 -12.66 -5.17
CA THR A 52 -17.44 -12.47 -5.91
C THR A 52 -17.12 -11.83 -7.22
N LEU A 53 -16.44 -10.69 -7.18
CA LEU A 53 -15.99 -10.03 -8.43
C LEU A 53 -15.24 -11.02 -9.32
N MET A 54 -14.40 -11.87 -8.74
CA MET A 54 -13.67 -12.88 -9.53
C MET A 54 -14.61 -13.85 -10.23
N LEU A 55 -15.65 -14.30 -9.53
CA LEU A 55 -16.65 -15.22 -10.13
C LEU A 55 -17.39 -14.54 -11.23
N ALA A 56 -17.66 -13.26 -11.06
CA ALA A 56 -18.25 -12.47 -12.14
C ALA A 56 -17.24 -12.21 -13.32
N GLY A 57 -16.04 -12.76 -13.23
CA GLY A 57 -15.07 -12.73 -14.34
C GLY A 57 -14.23 -11.44 -14.38
N ILE A 58 -14.36 -10.59 -13.37
CA ILE A 58 -13.69 -9.32 -13.31
C ILE A 58 -12.28 -9.46 -12.72
N ARG A 59 -11.27 -8.97 -13.47
CA ARG A 59 -9.90 -9.15 -13.05
C ARG A 59 -9.21 -7.87 -12.72
N GLU A 60 -9.80 -6.74 -13.09
CA GLU A 60 -9.22 -5.43 -12.81
C GLU A 60 -10.05 -4.74 -11.75
N ILE A 61 -9.48 -4.60 -10.55
CA ILE A 61 -10.24 -4.16 -9.40
C ILE A 61 -9.58 -2.99 -8.63
N LEU A 62 -10.35 -1.94 -8.40
CA LEU A 62 -9.96 -0.85 -7.51
C LEU A 62 -10.51 -1.11 -6.10
N ILE A 63 -9.61 -1.24 -5.14
CA ILE A 63 -9.92 -1.24 -3.73
C ILE A 63 -9.84 0.22 -3.24
N ILE A 64 -11.00 0.77 -2.86
CA ILE A 64 -11.10 2.07 -2.17
C ILE A 64 -11.20 1.84 -0.66
N SER A 65 -10.36 2.54 0.10
CA SER A 65 -10.36 2.46 1.57
C SER A 65 -9.87 3.78 2.23
N THR A 66 -9.85 3.83 3.54
CA THR A 66 -9.40 5.04 4.24
C THR A 66 -7.91 5.24 4.04
N PRO A 67 -7.44 6.48 4.21
CA PRO A 67 -6.00 6.70 4.06
C PRO A 67 -5.19 5.92 5.06
N GLN A 68 -5.72 5.74 6.26
CA GLN A 68 -4.96 5.04 7.31
C GLN A 68 -4.80 3.56 7.02
N ASP A 69 -5.74 2.95 6.30
CA ASP A 69 -5.75 1.51 6.14
C ASP A 69 -5.30 1.00 4.75
N THR A 70 -5.31 1.87 3.75
CA THR A 70 -4.84 1.44 2.42
C THR A 70 -3.59 0.56 2.48
N PRO A 71 -2.57 0.96 3.23
CA PRO A 71 -1.32 0.17 3.29
C PRO A 71 -1.49 -1.21 3.85
N ARG A 72 -2.43 -1.34 4.78
CA ARG A 72 -2.82 -2.67 5.29
C ARG A 72 -3.54 -3.54 4.25
N PHE A 73 -4.45 -2.94 3.49
CA PHE A 73 -5.01 -3.66 2.37
C PHE A 73 -3.91 -4.02 1.34
N GLN A 74 -3.02 -3.08 1.03
CA GLN A 74 -1.91 -3.36 0.08
C GLN A 74 -1.03 -4.50 0.57
N GLN A 75 -0.63 -4.47 1.83
CA GLN A 75 0.15 -5.55 2.38
C GLN A 75 -0.58 -6.91 2.22
N LEU A 76 -1.90 -6.94 2.50
CA LEU A 76 -2.68 -8.18 2.37
C LEU A 76 -2.80 -8.63 0.90
N LEU A 77 -3.14 -7.74 -0.01
CA LEU A 77 -3.53 -8.14 -1.38
C LEU A 77 -2.53 -7.83 -2.51
N GLY A 78 -1.58 -6.94 -2.25
CA GLY A 78 -0.48 -6.69 -3.18
C GLY A 78 -1.10 -6.05 -4.41
N ASP A 79 -0.52 -6.35 -5.58
CA ASP A 79 -1.05 -5.85 -6.87
C ASP A 79 -1.96 -6.85 -7.58
N GLY A 80 -2.17 -7.99 -6.95
CA GLY A 80 -3.06 -9.00 -7.50
C GLY A 80 -2.40 -9.97 -8.44
N SER A 81 -1.23 -9.59 -8.96
CA SER A 81 -0.49 -10.44 -9.91
C SER A 81 -0.41 -11.87 -9.47
N ASN A 82 -0.33 -12.13 -8.17
CA ASN A 82 -0.24 -13.50 -7.67
C ASN A 82 -1.49 -14.33 -7.85
N TRP A 83 -2.64 -13.68 -8.06
CA TRP A 83 -3.88 -14.41 -8.27
C TRP A 83 -4.41 -14.15 -9.64
N GLY A 84 -3.57 -13.62 -10.53
CA GLY A 84 -4.03 -13.35 -11.89
C GLY A 84 -4.90 -12.10 -12.03
N LEU A 85 -4.86 -11.21 -11.05
CA LEU A 85 -5.65 -10.01 -11.11
C LEU A 85 -4.75 -8.80 -11.33
N ASP A 86 -5.38 -7.64 -11.47
CA ASP A 86 -4.71 -6.42 -11.40
C ASP A 86 -5.41 -5.49 -10.43
N LEU A 87 -4.83 -5.36 -9.25
CA LEU A 87 -5.42 -4.57 -8.20
C LEU A 87 -4.78 -3.21 -8.09
N GLN A 88 -5.62 -2.20 -7.98
CA GLN A 88 -5.16 -0.84 -7.79
C GLN A 88 -5.83 -0.28 -6.55
N TYR A 89 -5.33 0.85 -6.03
CA TYR A 89 -5.80 1.37 -4.73
C TYR A 89 -6.09 2.84 -4.75
N ALA A 90 -7.16 3.23 -4.08
CA ALA A 90 -7.52 4.62 -3.97
C ALA A 90 -8.05 4.85 -2.58
N VAL A 91 -8.11 6.12 -2.19
CA VAL A 91 -8.47 6.46 -0.82
C VAL A 91 -9.74 7.23 -0.81
N GLN A 92 -10.44 7.12 0.30
CA GLN A 92 -11.65 7.86 0.50
C GLN A 92 -11.42 8.64 1.76
N PRO A 93 -11.05 9.92 1.61
CA PRO A 93 -10.67 10.74 2.76
C PRO A 93 -11.79 10.81 3.81
N SER A 94 -13.02 10.99 3.33
CA SER A 94 -14.19 11.15 4.19
C SER A 94 -15.30 10.17 3.70
N PRO A 95 -16.09 9.58 4.60
CA PRO A 95 -17.10 8.62 4.15
C PRO A 95 -18.41 9.29 3.69
N ASP A 96 -18.42 9.75 2.45
CA ASP A 96 -19.46 10.63 1.96
C ASP A 96 -20.55 9.94 1.09
N GLY A 97 -20.75 8.63 1.26
CA GLY A 97 -21.77 7.90 0.48
C GLY A 97 -21.17 6.90 -0.47
N LEU A 98 -21.89 5.82 -0.74
CA LEU A 98 -21.37 4.76 -1.63
C LEU A 98 -21.19 5.23 -3.11
N ALA A 99 -22.01 6.21 -3.53
CA ALA A 99 -21.99 6.74 -4.92
C ALA A 99 -20.70 7.54 -5.19
N GLN A 100 -20.10 8.06 -4.14
CA GLN A 100 -18.78 8.67 -4.20
C GLN A 100 -17.75 7.78 -4.86
N ALA A 101 -17.95 6.46 -4.81
CA ALA A 101 -16.99 5.53 -5.39
C ALA A 101 -16.74 5.84 -6.87
N PHE A 102 -17.71 6.46 -7.54
CA PHE A 102 -17.60 6.68 -9.00
C PHE A 102 -16.85 7.95 -9.33
N LEU A 103 -16.85 8.91 -8.43
CA LEU A 103 -16.03 10.11 -8.61
C LEU A 103 -14.59 9.72 -8.39
N ILE A 104 -14.30 9.17 -7.21
CA ILE A 104 -13.00 8.62 -6.88
C ILE A 104 -12.53 7.63 -7.93
N GLY A 105 -13.45 6.79 -8.42
CA GLY A 105 -13.08 5.75 -9.37
C GLY A 105 -13.06 6.16 -10.83
N GLU A 106 -13.44 7.42 -11.11
CA GLU A 106 -13.60 7.90 -12.50
C GLU A 106 -12.44 7.53 -13.41
N SER A 107 -11.24 7.90 -13.00
CA SER A 107 -10.05 7.69 -13.82
C SER A 107 -9.82 6.21 -14.07
N PHE A 108 -9.90 5.43 -12.99
CA PHE A 108 -9.81 3.96 -13.09
C PHE A 108 -10.89 3.32 -13.97
N ILE A 109 -12.12 3.80 -13.90
CA ILE A 109 -13.15 3.26 -14.74
C ILE A 109 -12.89 3.59 -16.22
N GLY A 110 -12.52 4.84 -16.48
CA GLY A 110 -12.32 5.28 -17.82
C GLY A 110 -13.61 5.14 -18.58
N ASN A 111 -13.53 4.54 -19.75
CA ASN A 111 -14.72 4.43 -20.59
C ASN A 111 -15.29 3.00 -20.56
N ASP A 112 -14.90 2.18 -19.58
CA ASP A 112 -15.37 0.79 -19.51
C ASP A 112 -16.67 0.62 -18.70
N LEU A 113 -17.20 -0.59 -18.72
CA LEU A 113 -18.32 -1.01 -17.84
C LEU A 113 -17.74 -1.30 -16.47
N SER A 114 -18.57 -1.23 -15.44
CA SER A 114 -18.09 -1.43 -14.10
C SER A 114 -18.98 -2.33 -13.25
N ALA A 115 -18.45 -2.68 -12.08
CA ALA A 115 -19.22 -3.33 -11.05
C ALA A 115 -18.72 -2.80 -9.69
N LEU A 116 -19.65 -2.51 -8.77
CA LEU A 116 -19.34 -2.06 -7.41
C LEU A 116 -19.81 -3.10 -6.40
N VAL A 117 -18.95 -3.46 -5.46
CA VAL A 117 -19.32 -4.38 -4.39
C VAL A 117 -18.88 -3.82 -3.01
N LEU A 118 -19.75 -4.00 -2.00
CA LEU A 118 -19.43 -3.49 -0.68
C LEU A 118 -18.45 -4.46 -0.06
N GLY A 119 -17.39 -3.88 0.44
CA GLY A 119 -16.32 -4.63 1.09
C GLY A 119 -16.77 -5.49 2.25
N ASP A 120 -17.96 -5.26 2.80
CA ASP A 120 -18.41 -6.10 3.88
C ASP A 120 -19.58 -7.03 3.53
N ASN A 121 -19.82 -7.31 2.26
CA ASN A 121 -20.98 -8.12 1.87
C ASN A 121 -20.50 -9.50 1.54
N LEU A 122 -21.05 -10.51 2.22
CA LEU A 122 -20.75 -11.91 1.89
C LEU A 122 -21.96 -12.57 1.17
N TYR A 123 -21.68 -13.31 0.10
CA TYR A 123 -22.66 -14.11 -0.62
C TYR A 123 -22.23 -15.58 -0.74
N TYR A 124 -23.21 -16.48 -0.67
CA TYR A 124 -22.98 -17.93 -0.88
C TYR A 124 -24.17 -18.57 -1.50
N GLY A 125 -23.90 -19.47 -2.45
CA GLY A 125 -24.91 -20.42 -2.94
C GLY A 125 -24.65 -21.01 -4.30
N HIS A 126 -25.59 -21.81 -4.76
CA HIS A 126 -25.45 -22.65 -5.96
C HIS A 126 -25.72 -21.88 -7.17
N ASP A 127 -24.95 -22.15 -8.21
CA ASP A 127 -25.16 -21.45 -9.43
C ASP A 127 -24.86 -19.95 -9.26
N PHE A 128 -23.97 -19.58 -8.36
CA PHE A 128 -23.65 -18.17 -8.20
C PHE A 128 -22.96 -17.59 -9.44
N HIS A 129 -22.22 -18.38 -10.17
CA HIS A 129 -21.65 -17.95 -11.47
C HIS A 129 -22.67 -17.48 -12.44
N GLU A 130 -23.78 -18.23 -12.50
CA GLU A 130 -24.81 -18.01 -13.50
C GLU A 130 -25.57 -16.77 -13.13
N LEU A 131 -25.87 -16.61 -11.86
CA LEU A 131 -26.66 -15.46 -11.44
C LEU A 131 -25.89 -14.17 -11.61
N LEU A 132 -24.59 -14.19 -11.37
CA LEU A 132 -23.75 -13.03 -11.71
C LEU A 132 -23.71 -12.84 -13.20
N GLY A 133 -23.38 -13.92 -13.92
CA GLY A 133 -23.32 -13.88 -15.40
C GLY A 133 -24.42 -13.04 -16.01
N SER A 134 -25.65 -13.31 -15.66
CA SER A 134 -26.79 -12.66 -16.27
C SER A 134 -26.79 -11.17 -16.03
N ALA A 135 -26.16 -10.70 -14.98
CA ALA A 135 -25.96 -9.28 -14.83
C ALA A 135 -24.70 -8.83 -15.56
N SER A 136 -23.67 -9.67 -15.55
CA SER A 136 -22.40 -9.33 -16.14
C SER A 136 -22.46 -9.21 -17.66
N GLN A 137 -23.42 -9.90 -18.30
CA GLN A 137 -23.58 -10.03 -19.77
C GLN A 137 -24.34 -8.85 -20.41
N ARG A 138 -25.32 -8.31 -19.67
CA ARG A 138 -26.05 -7.08 -20.04
C ARG A 138 -25.06 -5.90 -20.16
N GLN A 139 -24.74 -5.52 -21.40
CA GLN A 139 -23.73 -4.52 -21.66
C GLN A 139 -24.28 -3.07 -21.53
N THR A 140 -25.58 -2.91 -21.42
CA THR A 140 -26.23 -1.62 -21.29
C THR A 140 -27.03 -1.54 -19.98
N GLY A 141 -27.17 -0.34 -19.46
CA GLY A 141 -27.94 -0.08 -18.27
C GLY A 141 -27.26 -0.57 -17.03
N ALA A 142 -28.09 -0.68 -15.97
CA ALA A 142 -27.68 -1.14 -14.65
C ALA A 142 -28.39 -2.44 -14.23
N SER A 143 -27.68 -3.22 -13.45
CA SER A 143 -28.25 -4.44 -12.89
C SER A 143 -27.94 -4.54 -11.43
N VAL A 144 -28.98 -4.67 -10.61
CA VAL A 144 -28.86 -4.92 -9.17
C VAL A 144 -29.57 -6.25 -8.76
N PHE A 145 -29.41 -6.65 -7.50
CA PHE A 145 -30.06 -7.89 -7.01
C PHE A 145 -30.92 -7.62 -5.79
N ALA A 146 -32.10 -8.28 -5.73
CA ALA A 146 -33.09 -8.02 -4.69
C ALA A 146 -33.21 -9.25 -3.89
N TYR A 147 -33.17 -9.13 -2.57
CA TYR A 147 -33.09 -10.29 -1.66
C TYR A 147 -34.00 -10.09 -0.48
N HIS A 148 -34.81 -11.09 -0.23
CA HIS A 148 -35.83 -11.03 0.79
C HIS A 148 -35.13 -11.01 2.09
N VAL A 149 -35.49 -10.06 2.94
CA VAL A 149 -34.93 -9.95 4.28
C VAL A 149 -36.05 -9.66 5.31
N LEU A 150 -35.76 -9.86 6.59
CA LEU A 150 -36.69 -9.57 7.68
C LEU A 150 -36.78 -8.07 8.00
N ASP A 151 -35.72 -7.31 7.76
CA ASP A 151 -35.60 -5.92 8.23
C ASP A 151 -35.31 -4.97 7.06
N PRO A 152 -36.23 -4.93 6.07
CA PRO A 152 -35.95 -4.19 4.87
C PRO A 152 -35.71 -2.70 5.08
N GLU A 153 -36.23 -2.16 6.19
CA GLU A 153 -36.06 -0.76 6.57
C GLU A 153 -34.60 -0.30 6.71
N ARG A 154 -33.65 -1.22 6.78
CA ARG A 154 -32.23 -0.89 6.93
C ARG A 154 -31.58 -0.67 5.59
N TYR A 155 -32.25 -1.09 4.51
CA TYR A 155 -31.66 -1.09 3.17
C TYR A 155 -32.44 -0.28 2.14
N GLY A 156 -32.01 -0.39 0.89
CA GLY A 156 -32.77 0.07 -0.27
C GLY A 156 -33.82 -0.97 -0.57
N VAL A 157 -35.09 -0.53 -0.61
CA VAL A 157 -36.21 -1.45 -0.89
C VAL A 157 -36.77 -1.25 -2.28
N VAL A 158 -36.97 -2.35 -3.00
CA VAL A 158 -37.50 -2.37 -4.37
C VAL A 158 -38.95 -2.82 -4.32
N GLU A 159 -39.83 -2.09 -4.98
CA GLU A 159 -41.22 -2.47 -5.00
C GLU A 159 -41.48 -3.09 -6.36
N PHE A 160 -42.23 -4.18 -6.39
CA PHE A 160 -42.61 -4.81 -7.66
C PHE A 160 -44.10 -4.62 -7.91
N ASP A 161 -44.51 -4.52 -9.18
CA ASP A 161 -45.95 -4.59 -9.49
C ASP A 161 -46.42 -6.05 -9.64
N GLN A 162 -47.73 -6.26 -9.78
CA GLN A 162 -48.27 -7.62 -9.83
C GLN A 162 -47.62 -8.53 -10.87
N GLY A 163 -47.03 -7.96 -11.92
CA GLY A 163 -46.31 -8.75 -12.92
C GLY A 163 -44.82 -8.93 -12.60
N GLY A 164 -44.40 -8.55 -11.39
CA GLY A 164 -43.00 -8.71 -10.99
C GLY A 164 -42.06 -7.71 -11.64
N LYS A 165 -42.59 -6.55 -12.03
CA LYS A 165 -41.76 -5.48 -12.55
C LYS A 165 -41.40 -4.48 -11.45
N ALA A 166 -40.13 -4.09 -11.44
CA ALA A 166 -39.61 -3.14 -10.45
C ALA A 166 -40.09 -1.76 -10.81
N ILE A 167 -40.72 -1.07 -9.84
CA ILE A 167 -41.39 0.21 -10.08
C ILE A 167 -41.08 1.36 -9.14
N SER A 168 -40.57 1.05 -7.96
CA SER A 168 -39.97 2.06 -7.08
C SER A 168 -38.80 1.52 -6.26
N LEU A 169 -37.87 2.42 -5.94
CA LEU A 169 -36.81 2.14 -5.05
C LEU A 169 -36.88 3.18 -3.95
N GLU A 170 -36.60 2.79 -2.72
CA GLU A 170 -36.62 3.71 -1.60
C GLU A 170 -35.52 3.35 -0.59
N GLU A 171 -34.85 4.37 -0.08
CA GLU A 171 -33.71 4.22 0.79
C GLU A 171 -34.13 4.29 2.26
N LYS A 172 -33.86 3.21 2.97
CA LYS A 172 -34.25 3.08 4.38
C LYS A 172 -35.66 3.65 4.67
N PRO A 173 -36.66 3.24 3.90
CA PRO A 173 -38.03 3.61 4.24
C PRO A 173 -38.48 3.11 5.61
N LEU A 174 -39.17 3.96 6.35
CA LEU A 174 -39.81 3.54 7.62
C LEU A 174 -40.95 2.54 7.43
N GLU A 175 -41.61 2.55 6.27
CA GLU A 175 -42.73 1.63 5.95
C GLU A 175 -42.47 1.03 4.59
N PRO A 176 -41.62 0.02 4.58
CA PRO A 176 -41.17 -0.58 3.32
C PRO A 176 -42.31 -1.17 2.48
N LYS A 177 -42.18 -1.04 1.17
CA LYS A 177 -43.19 -1.49 0.23
C LYS A 177 -43.12 -2.99 -0.03
N SER A 178 -41.94 -3.57 0.22
CA SER A 178 -41.79 -5.01 0.22
C SER A 178 -40.74 -5.37 1.23
N ASN A 179 -40.47 -6.66 1.34
CA ASN A 179 -39.33 -7.16 2.07
C ASN A 179 -38.09 -7.42 1.15
N TYR A 180 -38.07 -6.89 -0.06
CA TYR A 180 -36.93 -7.10 -0.98
C TYR A 180 -35.86 -6.00 -0.92
N ALA A 181 -34.71 -6.36 -0.39
CA ALA A 181 -33.64 -5.42 -0.16
C ALA A 181 -32.67 -5.45 -1.34
N VAL A 182 -32.14 -4.30 -1.72
CA VAL A 182 -31.12 -4.25 -2.79
C VAL A 182 -29.78 -4.64 -2.22
N THR A 183 -29.16 -5.73 -2.72
CA THR A 183 -27.88 -6.15 -2.15
C THR A 183 -26.76 -5.23 -2.58
N GLY A 184 -25.59 -5.41 -1.99
CA GLY A 184 -24.45 -4.53 -2.19
C GLY A 184 -23.54 -5.06 -3.29
N LEU A 185 -24.17 -5.38 -4.42
CA LEU A 185 -23.48 -5.74 -5.60
C LEU A 185 -24.22 -5.01 -6.70
N TYR A 186 -23.50 -4.18 -7.47
CA TYR A 186 -24.10 -3.40 -8.52
C TYR A 186 -23.33 -3.48 -9.87
N PHE A 187 -24.06 -3.60 -10.96
CA PHE A 187 -23.42 -3.62 -12.28
C PHE A 187 -23.87 -2.40 -13.13
N TYR A 188 -22.90 -1.73 -13.78
CA TYR A 188 -23.15 -0.47 -14.44
C TYR A 188 -22.42 -0.35 -15.77
N ASP A 189 -23.03 0.44 -16.65
CA ASP A 189 -22.50 0.73 -17.97
C ASP A 189 -21.73 2.05 -17.87
N GLN A 190 -21.44 2.67 -19.02
CA GLN A 190 -20.63 3.90 -19.05
C GLN A 190 -21.38 5.15 -18.62
N GLN A 191 -22.65 5.05 -18.25
CA GLN A 191 -23.39 6.21 -17.72
C GLN A 191 -23.20 6.48 -16.22
N VAL A 192 -22.63 5.54 -15.50
CA VAL A 192 -22.73 5.64 -14.05
C VAL A 192 -21.94 6.87 -13.57
N VAL A 193 -20.73 7.05 -14.08
CA VAL A 193 -19.89 8.17 -13.71
C VAL A 193 -20.64 9.50 -13.89
N ASP A 194 -21.18 9.73 -15.09
CA ASP A 194 -21.93 10.95 -15.34
C ASP A 194 -23.15 11.07 -14.41
N ILE A 195 -23.88 9.98 -14.20
CA ILE A 195 -25.01 10.02 -13.24
C ILE A 195 -24.53 10.33 -11.83
N ALA A 196 -23.38 9.75 -11.45
CA ALA A 196 -22.76 10.01 -10.14
C ALA A 196 -22.42 11.48 -10.00
N ARG A 197 -21.71 12.03 -11.01
CA ARG A 197 -21.26 13.43 -10.97
C ARG A 197 -22.42 14.43 -10.75
N ASP A 198 -23.62 14.13 -11.27
CA ASP A 198 -24.76 15.04 -11.12
C ASP A 198 -25.53 14.88 -9.80
N LEU A 199 -25.09 14.01 -8.91
CA LEU A 199 -25.84 13.78 -7.66
C LEU A 199 -25.58 14.81 -6.58
N LYS A 200 -26.65 15.27 -5.94
CA LYS A 200 -26.55 16.17 -4.79
C LYS A 200 -26.55 15.37 -3.50
N PRO A 201 -25.76 15.81 -2.48
CA PRO A 201 -25.85 15.07 -1.21
C PRO A 201 -27.28 15.02 -0.67
N SER A 202 -27.58 13.97 0.07
CA SER A 202 -28.91 13.75 0.59
C SER A 202 -29.03 14.50 1.93
N PRO A 203 -30.21 14.45 2.58
CA PRO A 203 -30.30 15.05 3.93
C PRO A 203 -29.26 14.53 4.94
N ARG A 204 -28.78 13.29 4.76
CA ARG A 204 -27.81 12.66 5.68
C ARG A 204 -26.37 13.05 5.37
N GLY A 205 -26.16 13.83 4.30
CA GLY A 205 -24.82 14.26 3.89
C GLY A 205 -24.09 13.24 3.02
N GLU A 206 -24.85 12.29 2.46
CA GLU A 206 -24.30 11.21 1.65
C GLU A 206 -24.76 11.28 0.19
N LEU A 207 -23.89 10.81 -0.71
CA LEU A 207 -24.23 10.56 -2.10
C LEU A 207 -24.72 9.12 -2.21
N GLU A 208 -26.01 8.95 -2.34
CA GLU A 208 -26.64 7.65 -2.17
C GLU A 208 -26.57 6.80 -3.45
N ILE A 209 -26.19 5.54 -3.32
CA ILE A 209 -26.31 4.61 -4.43
C ILE A 209 -27.78 4.42 -4.84
N THR A 210 -28.74 4.62 -3.93
CA THR A 210 -30.16 4.44 -4.37
C THR A 210 -30.65 5.51 -5.37
N ASP A 211 -30.13 6.73 -5.23
CA ASP A 211 -30.40 7.78 -6.24
C ASP A 211 -29.80 7.39 -7.56
N VAL A 212 -28.60 6.83 -7.53
CA VAL A 212 -27.98 6.37 -8.78
C VAL A 212 -28.86 5.37 -9.40
N ASN A 213 -29.28 4.38 -8.63
CA ASN A 213 -30.11 3.31 -9.19
C ASN A 213 -31.51 3.81 -9.54
N ARG A 214 -32.05 4.77 -8.79
CA ARG A 214 -33.33 5.31 -9.23
C ARG A 214 -33.25 5.98 -10.64
N ALA A 215 -32.14 6.66 -10.93
CA ALA A 215 -31.96 7.32 -12.23
C ALA A 215 -32.02 6.32 -13.35
N TYR A 216 -31.33 5.20 -13.20
CA TYR A 216 -31.47 4.13 -14.20
C TYR A 216 -32.90 3.59 -14.29
N LEU A 217 -33.63 3.56 -13.17
CA LEU A 217 -34.99 3.04 -13.19
C LEU A 217 -35.86 4.02 -13.99
N GLU A 218 -35.75 5.30 -13.66
CA GLU A 218 -36.49 6.37 -14.38
C GLU A 218 -36.17 6.45 -15.90
N ARG A 219 -34.99 6.00 -16.32
CA ARG A 219 -34.67 5.81 -17.75
C ARG A 219 -35.11 4.45 -18.30
N GLY A 220 -35.80 3.64 -17.50
CA GLY A 220 -36.12 2.27 -17.89
C GLY A 220 -34.92 1.36 -18.15
N GLN A 221 -33.80 1.56 -17.43
CA GLN A 221 -32.61 0.76 -17.69
C GLN A 221 -32.06 -0.05 -16.48
N LEU A 222 -32.93 -0.25 -15.50
CA LEU A 222 -32.60 -1.02 -14.33
C LEU A 222 -33.20 -2.40 -14.45
N SER A 223 -32.34 -3.40 -14.57
CA SER A 223 -32.71 -4.78 -14.25
C SER A 223 -32.56 -5.09 -12.73
N VAL A 224 -33.64 -5.56 -12.13
CA VAL A 224 -33.61 -6.05 -10.78
C VAL A 224 -33.79 -7.55 -10.81
N GLU A 225 -32.70 -8.29 -10.62
CA GLU A 225 -32.77 -9.73 -10.60
C GLU A 225 -32.91 -10.27 -9.23
N ILE A 226 -33.80 -11.26 -9.08
CA ILE A 226 -34.03 -11.86 -7.76
C ILE A 226 -32.89 -12.77 -7.39
N MET A 227 -32.30 -12.51 -6.21
CA MET A 227 -31.40 -13.47 -5.53
C MET A 227 -32.25 -14.26 -4.54
N GLY A 228 -32.45 -15.54 -4.82
CA GLY A 228 -33.50 -16.28 -4.13
C GLY A 228 -33.14 -16.62 -2.70
N ARG A 229 -34.14 -17.09 -2.01
CA ARG A 229 -33.96 -17.56 -0.68
C ARG A 229 -32.92 -18.66 -0.51
N GLY A 230 -32.66 -19.42 -1.55
CA GLY A 230 -31.64 -20.48 -1.50
C GLY A 230 -30.21 -19.99 -1.60
N TYR A 231 -30.00 -18.66 -1.73
CA TYR A 231 -28.73 -18.04 -1.51
C TYR A 231 -28.59 -17.46 -0.11
N ALA A 232 -27.40 -17.56 0.47
CA ALA A 232 -27.06 -16.75 1.65
C ALA A 232 -26.45 -15.41 1.27
N TRP A 233 -27.10 -14.31 1.69
CA TRP A 233 -26.50 -12.98 1.72
C TRP A 233 -26.36 -12.58 3.13
N LEU A 234 -25.14 -12.57 3.65
CA LEU A 234 -24.97 -12.38 5.09
C LEU A 234 -24.62 -10.90 5.47
N ASP A 235 -25.05 -10.65 6.70
CA ASP A 235 -25.13 -9.39 7.39
C ASP A 235 -23.85 -9.28 8.16
N THR A 236 -23.06 -8.25 7.87
CA THR A 236 -21.88 -7.97 8.70
C THR A 236 -21.96 -6.63 9.41
N GLY A 237 -23.16 -6.13 9.65
CA GLY A 237 -23.33 -4.77 10.15
C GLY A 237 -23.36 -4.57 11.67
N THR A 238 -23.73 -5.62 12.41
CA THR A 238 -23.65 -5.59 13.85
C THR A 238 -22.62 -6.59 14.28
N HIS A 239 -22.13 -6.44 15.50
CA HIS A 239 -21.28 -7.44 16.11
C HIS A 239 -21.95 -8.77 16.17
N ASP A 240 -23.25 -8.79 16.41
CA ASP A 240 -23.99 -10.06 16.39
C ASP A 240 -23.98 -10.74 15.03
N SER A 241 -24.22 -9.98 13.96
CA SER A 241 -24.41 -10.61 12.68
C SER A 241 -23.08 -11.12 12.17
N LEU A 242 -22.02 -10.38 12.50
CA LEU A 242 -20.66 -10.73 12.11
C LEU A 242 -20.27 -12.09 12.71
N LEU A 243 -20.75 -12.32 13.90
CA LEU A 243 -20.53 -13.55 14.60
C LEU A 243 -21.38 -14.67 13.97
N GLU A 244 -22.62 -14.35 13.58
CA GLU A 244 -23.46 -15.29 12.84
C GLU A 244 -22.79 -15.73 11.53
N ALA A 245 -22.09 -14.78 10.89
CA ALA A 245 -21.48 -15.03 9.59
C ALA A 245 -20.27 -15.96 9.68
N GLY A 246 -19.48 -15.79 10.71
CA GLY A 246 -18.39 -16.70 10.93
C GLY A 246 -18.89 -18.10 11.23
N GLN A 247 -19.88 -18.25 12.17
CA GLN A 247 -20.51 -19.54 12.45
CA GLN A 247 -20.49 -19.58 12.45
C GLN A 247 -21.02 -20.18 11.16
N PHE A 248 -21.66 -19.36 10.33
CA PHE A 248 -22.18 -19.83 9.05
C PHE A 248 -21.14 -20.38 8.07
N ILE A 249 -20.04 -19.62 7.80
CA ILE A 249 -18.99 -20.06 6.90
C ILE A 249 -18.31 -21.31 7.50
N ALA A 250 -17.94 -21.25 8.77
CA ALA A 250 -17.31 -22.34 9.42
C ALA A 250 -18.16 -23.65 9.48
N THR A 251 -19.46 -23.57 9.67
CA THR A 251 -20.32 -24.75 9.51
C THR A 251 -20.20 -25.34 8.07
N LEU A 252 -20.28 -24.50 7.04
CA LEU A 252 -20.11 -25.00 5.67
C LEU A 252 -18.74 -25.62 5.46
N GLU A 253 -17.70 -24.90 5.86
CA GLU A 253 -16.35 -25.36 5.53
C GLU A 253 -15.97 -26.63 6.30
N ASN A 254 -16.32 -26.72 7.57
CA ASN A 254 -16.06 -27.93 8.34
C ASN A 254 -16.89 -29.12 7.91
N ARG A 255 -18.00 -28.85 7.28
CA ARG A 255 -18.83 -29.92 6.82
C ARG A 255 -18.21 -30.52 5.57
N GLN A 256 -17.79 -29.67 4.67
CA GLN A 256 -17.50 -30.04 3.31
C GLN A 256 -16.03 -30.36 3.09
N GLY A 257 -15.19 -29.85 3.96
CA GLY A 257 -13.79 -29.74 3.64
C GLY A 257 -13.51 -28.91 2.36
N LEU A 258 -14.42 -27.98 2.00
CA LEU A 258 -14.21 -27.02 0.92
C LEU A 258 -14.44 -25.60 1.45
N LYS A 259 -13.66 -24.61 1.00
CA LYS A 259 -13.73 -23.26 1.56
C LYS A 259 -14.65 -22.42 0.71
N VAL A 260 -15.38 -21.50 1.38
CA VAL A 260 -16.20 -20.46 0.71
C VAL A 260 -15.32 -19.24 0.42
N ALA A 261 -15.42 -18.72 -0.77
CA ALA A 261 -14.75 -17.48 -1.15
C ALA A 261 -13.23 -17.43 -0.88
N CYS A 262 -12.53 -18.50 -1.22
CA CYS A 262 -11.08 -18.53 -1.24
C CYS A 262 -10.59 -18.02 -2.59
N PRO A 263 -9.96 -16.84 -2.62
CA PRO A 263 -9.52 -16.21 -3.85
C PRO A 263 -8.57 -17.06 -4.69
N GLU A 264 -7.64 -17.75 -4.04
CA GLU A 264 -6.70 -18.61 -4.81
C GLU A 264 -7.39 -19.70 -5.60
N GLU A 265 -8.42 -20.29 -5.00
CA GLU A 265 -9.19 -21.36 -5.62
C GLU A 265 -10.02 -20.82 -6.75
N ILE A 266 -10.60 -19.65 -6.60
CA ILE A 266 -11.34 -19.09 -7.70
C ILE A 266 -10.38 -18.80 -8.84
N ALA A 267 -9.20 -18.21 -8.54
CA ALA A 267 -8.30 -17.92 -9.63
C ALA A 267 -7.86 -19.23 -10.30
N TYR A 268 -7.57 -20.25 -9.52
CA TYR A 268 -7.13 -21.53 -10.10
C TYR A 268 -8.20 -22.15 -11.00
N ARG A 269 -9.46 -22.10 -10.59
CA ARG A 269 -10.54 -22.75 -11.36
C ARG A 269 -10.97 -21.97 -12.59
N GLN A 270 -10.78 -20.65 -12.56
CA GLN A 270 -11.02 -19.80 -13.72
C GLN A 270 -9.85 -19.84 -14.71
N LYS A 271 -8.78 -20.55 -14.33
CA LYS A 271 -7.57 -20.73 -15.14
C LYS A 271 -6.77 -19.41 -15.25
N TRP A 272 -6.83 -18.57 -14.21
CA TRP A 272 -6.06 -17.34 -14.16
C TRP A 272 -4.72 -17.55 -13.55
N ILE A 273 -4.53 -18.71 -12.92
CA ILE A 273 -3.24 -19.17 -12.47
C ILE A 273 -3.18 -20.69 -12.67
N ASP A 274 -1.98 -21.24 -12.88
CA ASP A 274 -1.81 -22.69 -13.18
C ASP A 274 -1.39 -23.45 -11.93
N ALA A 275 -1.29 -24.78 -12.01
CA ALA A 275 -0.91 -25.57 -10.83
C ALA A 275 0.47 -25.17 -10.23
N ALA A 276 1.41 -24.77 -11.07
CA ALA A 276 2.70 -24.37 -10.52
C ALA A 276 2.54 -23.13 -9.64
N GLN A 277 1.76 -22.16 -10.11
CA GLN A 277 1.56 -20.92 -9.33
C GLN A 277 0.76 -21.18 -8.05
N LEU A 278 -0.25 -22.01 -8.13
CA LEU A 278 -0.99 -22.35 -6.93
C LEU A 278 -0.09 -23.01 -5.91
N GLU A 279 0.85 -23.83 -6.37
CA GLU A 279 1.78 -24.48 -5.44
C GLU A 279 2.65 -23.44 -4.74
N LYS A 280 3.12 -22.46 -5.50
CA LYS A 280 3.97 -21.40 -4.89
C LYS A 280 3.20 -20.56 -3.86
N LEU A 281 1.92 -20.32 -4.10
CA LEU A 281 1.08 -19.64 -3.10
C LEU A 281 0.85 -20.48 -1.86
N ALA A 282 0.82 -21.80 -2.02
CA ALA A 282 0.62 -22.71 -0.87
C ALA A 282 1.84 -22.87 0.01
N ALA A 283 3.04 -22.79 -0.56
CA ALA A 283 4.28 -22.95 0.23
C ALA A 283 4.35 -22.09 1.53
N PRO A 284 4.26 -20.76 1.45
CA PRO A 284 4.45 -19.95 2.67
C PRO A 284 3.36 -20.11 3.71
N LEU A 285 2.29 -20.86 3.44
CA LEU A 285 1.31 -21.23 4.50
C LEU A 285 1.20 -22.74 4.75
N ALA A 286 2.19 -23.52 4.28
CA ALA A 286 2.15 -25.03 4.33
C ALA A 286 1.85 -25.63 5.68
N LYS A 287 2.27 -24.98 6.74
CA LYS A 287 2.10 -25.52 8.07
C LYS A 287 0.76 -25.12 8.73
N ASN A 288 -0.15 -24.52 7.94
CA ASN A 288 -1.52 -24.31 8.44
C ASN A 288 -2.56 -24.84 7.50
N GLY A 289 -3.81 -24.89 7.98
CA GLY A 289 -4.94 -25.48 7.24
C GLY A 289 -5.12 -24.86 5.88
N TYR A 290 -4.93 -23.54 5.78
CA TYR A 290 -5.19 -22.79 4.53
C TYR A 290 -4.18 -23.13 3.45
N GLY A 291 -2.90 -23.11 3.80
CA GLY A 291 -1.85 -23.71 2.95
C GLY A 291 -2.12 -25.18 2.61
N GLN A 292 -2.53 -25.99 3.57
CA GLN A 292 -2.75 -27.39 3.27
C GLN A 292 -3.93 -27.51 2.30
N TYR A 293 -4.92 -26.65 2.49
CA TYR A 293 -6.08 -26.65 1.61
C TYR A 293 -5.68 -26.31 0.23
N LEU A 294 -4.84 -25.29 0.07
CA LEU A 294 -4.42 -24.96 -1.32
C LEU A 294 -3.69 -26.11 -2.00
N LYS A 295 -2.79 -26.75 -1.26
CA LYS A 295 -2.08 -27.91 -1.73
C LYS A 295 -3.06 -28.98 -2.22
N ARG A 296 -3.99 -29.40 -1.35
CA ARG A 296 -4.97 -30.43 -1.73
C ARG A 296 -5.78 -30.10 -2.99
N LEU A 297 -5.97 -28.82 -3.31
CA LEU A 297 -6.66 -28.48 -4.55
C LEU A 297 -5.91 -28.92 -5.81
N LEU A 298 -4.60 -29.09 -5.70
CA LEU A 298 -3.80 -29.47 -6.87
C LEU A 298 -4.07 -30.90 -7.27
N THR A 299 -4.51 -31.75 -6.33
CA THR A 299 -4.69 -33.19 -6.55
C THR A 299 -6.07 -33.73 -6.13
N GLU A 300 -7.12 -32.95 -6.36
CA GLU A 300 -8.47 -33.42 -6.16
C GLU A 300 -9.35 -32.86 -7.27
N THR A 301 -10.23 -33.67 -7.80
CA THR A 301 -11.24 -33.14 -8.71
C THR A 301 -12.42 -32.74 -7.85
N VAL A 302 -12.87 -31.52 -8.01
CA VAL A 302 -14.08 -31.06 -7.34
C VAL A 302 -15.11 -30.67 -8.40
N TYR A 303 -16.25 -31.35 -8.40
CA TYR A 303 -17.35 -31.10 -9.31
C TYR A 303 -18.20 -29.91 -8.87
N MET B 11 12.28 14.13 24.64
CA MET B 11 11.00 14.36 23.90
C MET B 11 11.15 13.98 22.42
N LYS B 12 10.16 13.25 21.89
CA LYS B 12 10.23 12.71 20.52
C LYS B 12 9.73 13.70 19.48
N ARG B 13 10.38 13.66 18.32
CA ARG B 13 10.08 14.56 17.25
C ARG B 13 9.41 13.80 16.12
N LYS B 14 8.32 14.37 15.61
CA LYS B 14 7.55 13.81 14.55
C LYS B 14 7.92 14.50 13.29
N GLY B 15 7.90 13.79 12.19
CA GLY B 15 8.26 14.33 10.88
C GLY B 15 7.13 14.39 9.90
N ILE B 16 7.16 15.42 9.06
CA ILE B 16 6.21 15.53 7.99
C ILE B 16 7.00 15.74 6.69
N ILE B 17 6.71 14.91 5.67
CA ILE B 17 7.16 15.18 4.31
C ILE B 17 6.00 15.71 3.48
N LEU B 18 6.13 16.93 2.99
CA LEU B 18 5.13 17.46 2.12
C LEU B 18 5.46 17.10 0.69
N ALA B 19 4.69 16.18 0.11
CA ALA B 19 4.92 15.69 -1.25
C ALA B 19 3.73 16.06 -2.11
N GLY B 20 3.55 17.35 -2.31
CA GLY B 20 2.29 17.87 -2.74
C GLY B 20 2.14 17.93 -4.23
N GLY B 21 1.11 18.67 -4.66
CA GLY B 21 0.77 18.76 -6.05
C GLY B 21 1.79 19.67 -6.75
N SER B 22 2.57 19.14 -7.69
CA SER B 22 3.42 20.01 -8.51
C SER B 22 2.53 20.67 -9.56
N GLY B 23 1.20 20.55 -9.42
CA GLY B 23 0.24 21.01 -10.40
C GLY B 23 0.50 20.41 -11.77
N THR B 24 0.46 21.28 -12.77
CA THR B 24 0.78 20.95 -14.16
C THR B 24 2.17 21.46 -14.59
N ARG B 25 2.93 22.04 -13.67
CA ARG B 25 4.19 22.72 -13.99
C ARG B 25 5.20 21.84 -14.73
N LEU B 26 5.20 20.54 -14.43
CA LEU B 26 6.11 19.59 -15.05
C LEU B 26 5.37 18.54 -15.91
N HIS B 27 4.12 18.85 -16.27
CA HIS B 27 3.41 18.07 -17.26
C HIS B 27 4.09 18.34 -18.58
N PRO B 28 4.21 17.31 -19.42
CA PRO B 28 3.59 15.99 -19.26
C PRO B 28 4.48 14.89 -18.65
N ALA B 29 5.79 15.12 -18.48
CA ALA B 29 6.65 14.17 -17.78
C ALA B 29 5.95 13.59 -16.56
N THR B 30 5.18 14.43 -15.85
CA THR B 30 4.54 14.02 -14.62
C THR B 30 3.03 13.71 -14.74
N LEU B 31 2.55 13.38 -15.93
CA LEU B 31 1.14 13.05 -16.12
C LEU B 31 0.84 11.63 -15.61
N ALA B 32 1.73 10.71 -15.94
CA ALA B 32 1.62 9.32 -15.52
C ALA B 32 2.04 9.03 -14.08
N ILE B 33 2.64 10.00 -13.38
CA ILE B 33 3.32 9.78 -12.08
C ILE B 33 3.72 11.11 -11.44
N SER B 34 3.46 11.30 -10.15
CA SER B 34 3.73 12.65 -9.56
C SER B 34 5.22 12.87 -9.22
N LYS B 35 5.61 14.14 -9.04
CA LYS B 35 7.02 14.52 -9.04
C LYS B 35 7.88 13.75 -8.05
N GLN B 36 7.41 13.59 -6.80
CA GLN B 36 8.22 13.02 -5.75
C GLN B 36 8.30 11.50 -5.85
N LEU B 37 7.65 10.94 -6.88
CA LEU B 37 7.84 9.52 -7.25
C LEU B 37 8.81 9.31 -8.41
N LEU B 38 9.20 10.38 -9.10
CA LEU B 38 10.19 10.28 -10.14
C LEU B 38 11.49 9.88 -9.52
N PRO B 39 12.22 8.94 -10.12
CA PRO B 39 13.52 8.67 -9.53
C PRO B 39 14.55 9.81 -9.80
N VAL B 40 15.43 10.07 -8.83
CA VAL B 40 16.68 10.76 -9.07
C VAL B 40 17.79 9.72 -9.10
N TYR B 41 18.34 9.53 -10.28
CA TYR B 41 19.21 8.42 -10.59
C TYR B 41 18.57 7.07 -10.21
N ASP B 42 19.03 6.45 -9.15
CA ASP B 42 18.77 5.04 -8.95
C ASP B 42 17.57 4.81 -8.04
N LYS B 43 16.94 5.88 -7.57
CA LYS B 43 15.96 5.73 -6.53
C LYS B 43 14.95 6.87 -6.53
N PRO B 44 13.75 6.58 -6.05
CA PRO B 44 12.70 7.59 -6.04
C PRO B 44 13.06 8.81 -5.25
N MET B 45 12.59 9.95 -5.73
CA MET B 45 12.92 11.25 -5.11
C MET B 45 12.70 11.25 -3.65
N ILE B 46 11.60 10.64 -3.21
CA ILE B 46 11.14 10.83 -1.85
C ILE B 46 12.09 10.11 -0.93
N TYR B 47 12.78 9.08 -1.41
CA TYR B 47 13.79 8.44 -0.58
C TYR B 47 14.84 9.44 -0.01
N TYR B 48 15.17 10.51 -0.73
CA TYR B 48 16.16 11.49 -0.24
C TYR B 48 15.74 12.34 1.00
N PRO B 49 14.59 13.03 0.96
CA PRO B 49 14.15 13.70 2.18
C PRO B 49 13.79 12.72 3.29
N LEU B 50 13.18 11.58 2.96
CA LEU B 50 12.91 10.59 4.00
C LEU B 50 14.19 10.20 4.69
N SER B 51 15.25 9.90 3.92
CA SER B 51 16.53 9.51 4.54
C SER B 51 17.04 10.67 5.42
N THR B 52 16.75 11.90 5.04
CA THR B 52 17.19 13.05 5.84
C THR B 52 16.53 13.05 7.20
N LEU B 53 15.21 12.97 7.19
CA LEU B 53 14.48 12.77 8.45
C LEU B 53 15.05 11.63 9.28
N MET B 54 15.36 10.51 8.66
CA MET B 54 15.92 9.36 9.41
C MET B 54 17.22 9.70 10.05
N LEU B 55 18.09 10.42 9.33
CA LEU B 55 19.40 10.84 9.88
C LEU B 55 19.20 11.74 11.04
N ALA B 56 18.21 12.62 10.96
CA ALA B 56 17.80 13.42 12.14
C ALA B 56 17.18 12.63 13.29
N GLY B 57 17.08 11.31 13.15
CA GLY B 57 16.68 10.45 14.24
C GLY B 57 15.16 10.32 14.36
N ILE B 58 14.44 10.86 13.39
CA ILE B 58 12.97 10.83 13.36
C ILE B 58 12.47 9.53 12.72
N ARG B 59 11.61 8.83 13.44
CA ARG B 59 11.07 7.55 12.98
C ARG B 59 9.60 7.58 12.70
N GLU B 60 8.91 8.64 13.11
CA GLU B 60 7.47 8.74 12.93
C GLU B 60 7.17 9.85 11.98
N ILE B 61 6.65 9.50 10.79
CA ILE B 61 6.58 10.43 9.70
C ILE B 61 5.23 10.40 8.99
N LEU B 62 4.62 11.56 8.86
CA LEU B 62 3.45 11.78 8.02
C LEU B 62 3.87 12.27 6.59
N ILE B 63 3.54 11.48 5.57
CA ILE B 63 3.60 11.90 4.18
C ILE B 63 2.25 12.53 3.79
N ILE B 64 2.27 13.84 3.45
CA ILE B 64 1.14 14.56 2.89
C ILE B 64 1.28 14.67 1.40
N SER B 65 0.24 14.28 0.65
CA SER B 65 0.24 14.32 -0.80
C SER B 65 -1.17 14.42 -1.34
N THR B 66 -1.33 14.52 -2.65
CA THR B 66 -2.69 14.69 -3.23
C THR B 66 -3.50 13.43 -2.99
N PRO B 67 -4.82 13.53 -3.11
CA PRO B 67 -5.61 12.31 -3.02
C PRO B 67 -5.20 11.26 -4.04
N GLN B 68 -4.86 11.67 -5.24
CA GLN B 68 -4.56 10.69 -6.27
C GLN B 68 -3.21 10.01 -6.01
N ASP B 69 -2.32 10.67 -5.29
CA ASP B 69 -0.93 10.23 -5.18
C ASP B 69 -0.68 9.47 -3.93
N THR B 70 -1.36 9.86 -2.86
CA THR B 70 -1.23 9.13 -1.61
C THR B 70 -1.11 7.60 -1.80
N PRO B 71 -2.05 6.96 -2.54
CA PRO B 71 -1.94 5.52 -2.75
C PRO B 71 -0.65 5.04 -3.40
N ARG B 72 -0.08 5.86 -4.29
CA ARG B 72 1.18 5.49 -4.94
C ARG B 72 2.33 5.56 -3.97
N PHE B 73 2.32 6.60 -3.15
CA PHE B 73 3.33 6.64 -2.11
C PHE B 73 3.16 5.45 -1.22
N GLN B 74 1.92 5.12 -0.86
CA GLN B 74 1.66 4.01 0.09
C GLN B 74 2.16 2.69 -0.47
N GLN B 75 1.84 2.44 -1.71
CA GLN B 75 2.33 1.30 -2.38
C GLN B 75 3.88 1.25 -2.35
N LEU B 76 4.56 2.37 -2.61
CA LEU B 76 6.05 2.39 -2.56
C LEU B 76 6.63 2.19 -1.16
N LEU B 77 6.13 2.93 -0.17
CA LEU B 77 6.74 2.98 1.20
C LEU B 77 6.01 2.18 2.31
N GLY B 78 4.70 1.85 2.13
CA GLY B 78 3.96 1.03 3.08
C GLY B 78 3.82 1.82 4.36
N ASP B 79 3.90 1.13 5.50
CA ASP B 79 3.79 1.76 6.81
C ASP B 79 5.12 2.01 7.45
N GLY B 80 6.20 1.65 6.75
CA GLY B 80 7.54 1.92 7.26
C GLY B 80 8.08 0.84 8.15
N SER B 81 7.20 -0.01 8.69
CA SER B 81 7.60 -1.10 9.60
C SER B 81 8.81 -1.89 9.11
N ASN B 82 8.95 -2.06 7.80
CA ASN B 82 10.11 -2.80 7.25
C ASN B 82 11.48 -2.07 7.37
N TRP B 83 11.44 -0.77 7.64
CA TRP B 83 12.68 -0.01 7.84
C TRP B 83 12.74 0.57 9.19
N GLY B 84 11.92 0.04 10.10
CA GLY B 84 11.95 0.50 11.47
C GLY B 84 11.26 1.83 11.68
N LEU B 85 10.46 2.25 10.72
CA LEU B 85 9.74 3.52 10.86
C LEU B 85 8.25 3.28 11.14
N ASP B 86 7.53 4.36 11.39
CA ASP B 86 6.09 4.35 11.45
C ASP B 86 5.58 5.45 10.57
N LEU B 87 5.28 5.09 9.34
CA LEU B 87 4.81 6.07 8.35
C LEU B 87 3.30 6.14 8.34
N GLN B 88 2.78 7.36 8.30
CA GLN B 88 1.36 7.59 8.19
C GLN B 88 1.08 8.53 7.03
N TYR B 89 -0.18 8.62 6.58
CA TYR B 89 -0.48 9.36 5.37
C TYR B 89 -1.65 10.29 5.53
N ALA B 90 -1.59 11.44 4.91
CA ALA B 90 -2.75 12.26 4.85
C ALA B 90 -2.82 12.87 3.48
N VAL B 91 -4.01 13.35 3.09
CA VAL B 91 -4.14 13.98 1.77
C VAL B 91 -4.18 15.49 1.91
N GLN B 92 -3.80 16.17 0.86
CA GLN B 92 -3.96 17.58 0.77
C GLN B 92 -4.87 17.82 -0.40
N PRO B 93 -6.15 18.11 -0.13
CA PRO B 93 -7.14 18.22 -1.22
C PRO B 93 -6.79 19.29 -2.24
N SER B 94 -6.34 20.44 -1.75
CA SER B 94 -6.02 21.59 -2.58
C SER B 94 -4.65 22.14 -2.15
N PRO B 95 -3.85 22.67 -3.11
CA PRO B 95 -2.48 23.06 -2.74
C PRO B 95 -2.40 24.48 -2.23
N ASP B 96 -2.74 24.65 -0.96
CA ASP B 96 -2.99 25.97 -0.40
C ASP B 96 -1.85 26.52 0.46
N GLY B 97 -0.62 26.10 0.19
CA GLY B 97 0.56 26.62 0.92
C GLY B 97 1.25 25.56 1.75
N LEU B 98 2.56 25.70 1.95
CA LEU B 98 3.34 24.70 2.69
C LEU B 98 2.92 24.66 4.18
N ALA B 99 2.46 25.79 4.70
CA ALA B 99 2.07 25.93 6.11
C ALA B 99 0.79 25.14 6.44
N GLN B 100 -0.04 24.92 5.42
CA GLN B 100 -1.19 24.02 5.52
C GLN B 100 -0.80 22.64 6.10
N ALA B 101 0.46 22.23 5.96
CA ALA B 101 0.89 20.94 6.47
C ALA B 101 0.58 20.78 7.96
N PHE B 102 0.54 21.88 8.68
CA PHE B 102 0.37 21.85 10.14
C PHE B 102 -1.11 21.75 10.57
N LEU B 103 -2.02 22.23 9.75
CA LEU B 103 -3.43 22.00 10.01
C LEU B 103 -3.74 20.52 9.71
N ILE B 104 -3.42 20.07 8.49
CA ILE B 104 -3.55 18.66 8.07
C ILE B 104 -2.85 17.77 9.09
N GLY B 105 -1.69 18.20 9.57
CA GLY B 105 -0.88 17.37 10.42
C GLY B 105 -1.19 17.47 11.90
N GLU B 106 -2.15 18.33 12.26
CA GLU B 106 -2.42 18.65 13.67
C GLU B 106 -2.56 17.43 14.54
N SER B 107 -3.42 16.52 14.14
CA SER B 107 -3.73 15.35 14.97
C SER B 107 -2.50 14.52 15.12
N PHE B 108 -1.82 14.31 14.00
CA PHE B 108 -0.55 13.56 14.00
C PHE B 108 0.54 14.19 14.88
N ILE B 109 0.65 15.51 14.86
CA ILE B 109 1.67 16.17 15.65
C ILE B 109 1.33 16.03 17.12
N GLY B 110 0.05 16.24 17.46
CA GLY B 110 -0.39 16.20 18.84
C GLY B 110 0.37 17.24 19.64
N ASN B 111 0.94 16.82 20.74
CA ASN B 111 1.68 17.72 21.58
C ASN B 111 3.20 17.58 21.42
N ASP B 112 3.67 16.88 20.39
CA ASP B 112 5.10 16.66 20.20
C ASP B 112 5.82 17.76 19.39
N LEU B 113 7.15 17.67 19.34
CA LEU B 113 7.96 18.54 18.49
C LEU B 113 7.85 17.98 17.08
N SER B 114 8.07 18.83 16.09
CA SER B 114 7.96 18.40 14.70
C SER B 114 9.12 18.85 13.79
N ALA B 115 9.13 18.27 12.59
CA ALA B 115 10.08 18.62 11.54
C ALA B 115 9.36 18.47 10.22
N LEU B 116 9.48 19.47 9.35
CA LEU B 116 8.88 19.48 8.02
C LEU B 116 9.97 19.48 6.96
N VAL B 117 9.85 18.58 5.97
CA VAL B 117 10.80 18.55 4.86
C VAL B 117 10.08 18.50 3.53
N LEU B 118 10.59 19.21 2.53
CA LEU B 118 9.97 19.19 1.22
C LEU B 118 10.34 17.92 0.53
N GLY B 119 9.31 17.27 0.02
CA GLY B 119 9.45 16.03 -0.72
C GLY B 119 10.39 16.06 -1.91
N ASP B 120 10.70 17.23 -2.43
CA ASP B 120 11.59 17.32 -3.58
C ASP B 120 12.96 17.98 -3.27
N ASN B 121 13.38 18.00 -2.01
CA ASN B 121 14.66 18.60 -1.63
C ASN B 121 15.67 17.52 -1.37
N LEU B 122 16.83 17.60 -2.06
CA LEU B 122 17.93 16.64 -1.85
C LEU B 122 19.11 17.35 -1.16
N TYR B 123 19.67 16.68 -0.15
CA TYR B 123 20.83 17.14 0.59
C TYR B 123 21.88 16.10 0.62
N TYR B 124 23.14 16.54 0.53
CA TYR B 124 24.31 15.66 0.69
C TYR B 124 25.48 16.40 1.25
N GLY B 125 26.21 15.73 2.15
CA GLY B 125 27.52 16.15 2.56
C GLY B 125 28.01 15.58 3.85
N HIS B 126 29.20 16.03 4.29
CA HIS B 126 29.89 15.49 5.46
C HIS B 126 29.34 16.02 6.76
N ASP B 127 29.24 15.13 7.75
CA ASP B 127 28.75 15.54 9.04
C ASP B 127 27.31 15.98 8.98
N PHE B 128 26.55 15.45 8.04
CA PHE B 128 25.13 15.84 7.96
C PHE B 128 24.33 15.41 9.23
N HIS B 129 24.71 14.31 9.88
CA HIS B 129 24.10 13.94 11.19
C HIS B 129 24.23 15.02 12.26
N GLU B 130 25.42 15.60 12.33
CA GLU B 130 25.76 16.57 13.37
C GLU B 130 25.05 17.87 13.10
N LEU B 131 25.00 18.27 11.84
CA LEU B 131 24.31 19.52 11.52
C LEU B 131 22.79 19.45 11.75
N LEU B 132 22.17 18.31 11.45
CA LEU B 132 20.78 18.10 11.81
C LEU B 132 20.64 18.06 13.34
N GLY B 133 21.46 17.23 13.98
CA GLY B 133 21.48 17.11 15.45
C GLY B 133 21.29 18.43 16.16
N SER B 134 22.11 19.42 15.82
CA SER B 134 22.07 20.71 16.49
C SER B 134 20.75 21.40 16.35
N ALA B 135 20.00 21.16 15.29
CA ALA B 135 18.61 21.66 15.24
C ALA B 135 17.67 20.68 15.95
N SER B 136 17.93 19.38 15.82
CA SER B 136 17.05 18.36 16.37
C SER B 136 17.05 18.33 17.91
N GLN B 137 18.12 18.79 18.53
CA GLN B 137 18.32 18.79 20.00
C GLN B 137 17.57 19.93 20.71
N ARG B 138 17.58 21.12 20.11
CA ARG B 138 16.86 22.26 20.64
C ARG B 138 15.37 21.91 20.83
N GLN B 139 14.96 21.67 22.07
CA GLN B 139 13.58 21.23 22.35
C GLN B 139 12.61 22.43 22.41
N THR B 140 13.09 23.67 22.18
CA THR B 140 12.22 24.88 22.11
C THR B 140 12.52 25.79 20.88
N GLY B 141 11.50 26.54 20.44
CA GLY B 141 11.62 27.41 19.30
C GLY B 141 11.66 26.65 17.98
N ALA B 142 12.07 27.37 16.94
CA ALA B 142 12.26 26.84 15.57
C ALA B 142 13.72 26.94 15.11
N SER B 143 14.08 26.00 14.26
CA SER B 143 15.39 25.99 13.65
C SER B 143 15.26 25.77 12.15
N VAL B 144 15.80 26.70 11.36
CA VAL B 144 15.91 26.54 9.92
C VAL B 144 17.37 26.60 9.47
N PHE B 145 17.61 26.33 8.18
CA PHE B 145 18.97 26.35 7.63
C PHE B 145 19.13 27.26 6.44
N ALA B 146 20.24 27.99 6.38
CA ALA B 146 20.46 29.04 5.33
C ALA B 146 21.51 28.53 4.47
N TYR B 147 21.38 28.69 3.18
CA TYR B 147 22.34 28.14 2.23
C TYR B 147 22.53 29.11 1.08
N HIS B 148 23.80 29.43 0.83
CA HIS B 148 24.15 30.44 -0.17
C HIS B 148 23.79 29.89 -1.50
N VAL B 149 23.05 30.68 -2.28
CA VAL B 149 22.60 30.27 -3.61
C VAL B 149 22.75 31.41 -4.61
N LEU B 150 22.71 31.08 -5.91
CA LEU B 150 22.82 32.07 -7.00
C LEU B 150 21.54 32.83 -7.20
N ASP B 151 20.41 32.20 -6.90
CA ASP B 151 19.10 32.67 -7.29
C ASP B 151 18.21 32.76 -6.07
N PRO B 152 18.62 33.59 -5.11
CA PRO B 152 17.85 33.64 -3.86
C PRO B 152 16.37 34.04 -4.01
N GLU B 153 16.06 34.80 -5.07
CA GLU B 153 14.70 35.28 -5.37
C GLU B 153 13.65 34.18 -5.48
N ARG B 154 14.09 32.93 -5.62
CA ARG B 154 13.16 31.81 -5.76
C ARG B 154 12.71 31.25 -4.41
N TYR B 155 13.45 31.61 -3.36
CA TYR B 155 13.23 31.03 -2.02
C TYR B 155 12.89 32.06 -0.94
N GLY B 156 12.85 31.58 0.30
CA GLY B 156 12.79 32.44 1.49
C GLY B 156 14.23 32.94 1.73
N VAL B 157 14.41 34.26 1.79
CA VAL B 157 15.72 34.88 2.01
C VAL B 157 15.88 35.48 3.43
N VAL B 158 16.99 35.13 4.09
CA VAL B 158 17.30 35.57 5.46
C VAL B 158 18.30 36.68 5.39
N GLU B 159 18.09 37.76 6.13
CA GLU B 159 19.04 38.83 6.18
C GLU B 159 19.76 38.73 7.51
N PHE B 160 21.09 38.92 7.48
CA PHE B 160 21.87 38.91 8.70
C PHE B 160 22.41 40.30 9.01
N ASP B 161 22.59 40.63 10.29
CA ASP B 161 23.33 41.85 10.67
C ASP B 161 24.83 41.54 10.75
N GLN B 162 25.64 42.58 10.93
CA GLN B 162 27.10 42.41 10.87
C GLN B 162 27.63 41.30 11.77
N GLY B 163 26.91 40.97 12.83
CA GLY B 163 27.32 39.92 13.76
C GLY B 163 26.76 38.56 13.39
N GLY B 164 26.19 38.45 12.21
CA GLY B 164 25.65 37.20 11.76
C GLY B 164 24.35 36.81 12.44
N LYS B 165 23.61 37.79 12.94
CA LYS B 165 22.32 37.53 13.54
C LYS B 165 21.20 37.77 12.50
N ALA B 166 20.23 36.86 12.50
CA ALA B 166 19.09 36.93 11.60
C ALA B 166 18.15 38.06 12.03
N ILE B 167 17.76 38.91 11.10
CA ILE B 167 16.96 40.09 11.42
C ILE B 167 15.73 40.30 10.51
N SER B 168 15.73 39.72 9.31
CA SER B 168 14.55 39.66 8.49
C SER B 168 14.50 38.37 7.65
N LEU B 169 13.28 37.94 7.35
CA LEU B 169 13.01 36.88 6.41
C LEU B 169 12.05 37.40 5.36
N GLU B 170 12.20 36.99 4.11
CA GLU B 170 11.33 37.46 3.06
C GLU B 170 11.11 36.34 2.04
N GLU B 171 9.87 36.23 1.57
CA GLU B 171 9.44 35.19 0.65
C GLU B 171 9.52 35.63 -0.80
N LYS B 172 10.31 34.89 -1.58
CA LYS B 172 10.57 35.20 -2.96
C LYS B 172 10.66 36.68 -3.22
N PRO B 173 11.53 37.35 -2.47
CA PRO B 173 11.70 38.77 -2.74
C PRO B 173 12.26 38.99 -4.13
N LEU B 174 11.69 39.94 -4.85
CA LEU B 174 12.26 40.38 -6.11
C LEU B 174 13.69 41.02 -5.97
N GLU B 175 13.98 41.61 -4.80
CA GLU B 175 15.25 42.28 -4.52
C GLU B 175 15.79 41.75 -3.21
N PRO B 176 16.45 40.59 -3.28
CA PRO B 176 16.87 39.87 -2.07
C PRO B 176 17.91 40.64 -1.26
N LYS B 177 17.82 40.54 0.06
CA LYS B 177 18.72 41.23 0.97
C LYS B 177 20.05 40.52 1.11
N SER B 178 20.05 39.21 0.84
CA SER B 178 21.26 38.41 0.80
C SER B 178 21.09 37.31 -0.22
N ASN B 179 22.12 36.52 -0.39
CA ASN B 179 22.09 35.30 -1.20
C ASN B 179 21.85 34.05 -0.32
N TYR B 180 21.42 34.23 0.93
CA TYR B 180 21.12 33.09 1.79
C TYR B 180 19.64 32.64 1.72
N ALA B 181 19.44 31.45 1.18
CA ALA B 181 18.07 30.88 1.07
C ALA B 181 17.78 29.98 2.23
N VAL B 182 16.54 29.96 2.66
CA VAL B 182 16.10 29.02 3.69
C VAL B 182 15.81 27.70 3.03
N THR B 183 16.49 26.65 3.42
CA THR B 183 16.27 25.38 2.77
C THR B 183 14.93 24.79 3.26
N GLY B 184 14.52 23.70 2.63
CA GLY B 184 13.21 23.13 2.83
C GLY B 184 13.26 22.05 3.87
N LEU B 185 13.90 22.39 4.98
CA LEU B 185 13.98 21.56 6.12
C LEU B 185 13.77 22.45 7.32
N TYR B 186 12.76 22.12 8.12
CA TYR B 186 12.36 22.97 9.22
C TYR B 186 12.13 22.20 10.51
N PHE B 187 12.59 22.75 11.63
CA PHE B 187 12.39 22.13 12.92
C PHE B 187 11.56 23.03 13.82
N TYR B 188 10.56 22.45 14.49
CA TYR B 188 9.57 23.24 15.25
C TYR B 188 9.20 22.58 16.59
N ASP B 189 8.82 23.45 17.54
CA ASP B 189 8.35 23.04 18.86
C ASP B 189 6.84 22.98 18.81
N GLN B 190 6.21 22.94 19.98
CA GLN B 190 4.76 22.73 20.06
C GLN B 190 3.95 23.96 19.70
N GLN B 191 4.61 25.08 19.40
CA GLN B 191 3.89 26.30 19.03
C GLN B 191 3.49 26.36 17.55
N VAL B 192 4.02 25.48 16.74
CA VAL B 192 3.89 25.71 15.30
C VAL B 192 2.43 25.63 14.84
N VAL B 193 1.71 24.61 15.29
CA VAL B 193 0.28 24.44 14.96
C VAL B 193 -0.49 25.71 15.30
N ASP B 194 -0.33 26.21 16.53
CA ASP B 194 -1.06 27.42 16.95
C ASP B 194 -0.65 28.65 16.16
N ILE B 195 0.65 28.79 15.88
CA ILE B 195 1.11 29.90 14.97
C ILE B 195 0.54 29.71 13.57
N ALA B 196 0.47 28.46 13.11
CA ALA B 196 -0.13 28.12 11.81
C ALA B 196 -1.59 28.54 11.76
N ARG B 197 -2.36 28.13 12.77
CA ARG B 197 -3.78 28.47 12.82
C ARG B 197 -4.08 29.99 12.72
N ASP B 198 -3.21 30.85 13.23
CA ASP B 198 -3.43 32.31 13.13
C ASP B 198 -3.01 32.97 11.81
N LEU B 199 -2.54 32.18 10.84
CA LEU B 199 -2.05 32.73 9.56
C LEU B 199 -3.17 33.12 8.56
N SER B 202 -2.12 34.65 2.32
CA SER B 202 -1.24 35.65 1.65
C SER B 202 -1.85 36.17 0.33
N PRO B 203 -1.20 37.18 -0.32
CA PRO B 203 -1.72 37.65 -1.62
C PRO B 203 -1.85 36.56 -2.70
N ARG B 204 -1.01 35.52 -2.60
CA ARG B 204 -1.00 34.42 -3.56
C ARG B 204 -2.01 33.30 -3.25
N GLY B 205 -2.79 33.46 -2.18
CA GLY B 205 -3.80 32.48 -1.79
C GLY B 205 -3.22 31.30 -0.99
N GLU B 206 -2.00 31.49 -0.49
CA GLU B 206 -1.25 30.44 0.19
C GLU B 206 -0.99 30.76 1.67
N LEU B 207 -0.90 29.71 2.47
CA LEU B 207 -0.40 29.78 3.84
C LEU B 207 1.10 29.55 3.81
N GLU B 208 1.87 30.61 4.00
CA GLU B 208 3.30 30.60 3.73
C GLU B 208 4.08 30.07 4.94
N ILE B 209 5.02 29.16 4.68
CA ILE B 209 5.95 28.79 5.72
C ILE B 209 6.83 29.99 6.20
N THR B 210 7.07 30.99 5.36
CA THR B 210 7.90 32.12 5.79
C THR B 210 7.22 32.97 6.86
N ASP B 211 5.88 33.07 6.80
CA ASP B 211 5.13 33.73 7.87
C ASP B 211 5.25 32.96 9.15
N VAL B 212 5.17 31.63 9.07
CA VAL B 212 5.40 30.81 10.26
C VAL B 212 6.74 31.14 10.82
N ASN B 213 7.77 31.10 9.99
CA ASN B 213 9.14 31.33 10.49
C ASN B 213 9.34 32.76 10.92
N ARG B 214 8.69 33.73 10.27
CA ARG B 214 8.83 35.10 10.75
C ARG B 214 8.30 35.26 12.18
N ALA B 215 7.22 34.55 12.50
CA ALA B 215 6.61 34.64 13.80
C ALA B 215 7.57 34.19 14.84
N TYR B 216 8.25 33.08 14.60
CA TYR B 216 9.30 32.64 15.55
C TYR B 216 10.43 33.69 15.65
N LEU B 217 10.74 34.38 14.54
CA LEU B 217 11.82 35.36 14.58
C LEU B 217 11.37 36.54 15.46
N GLU B 218 10.17 37.05 15.20
CA GLU B 218 9.58 38.15 16.01
C GLU B 218 9.46 37.84 17.51
N ARG B 219 9.35 36.56 17.89
CA ARG B 219 9.42 36.14 19.30
C ARG B 219 10.85 35.91 19.78
N GLY B 220 11.85 36.17 18.93
CA GLY B 220 13.24 35.76 19.21
C GLY B 220 13.46 34.25 19.40
N GLN B 221 12.73 33.41 18.69
CA GLN B 221 12.92 31.97 18.85
C GLN B 221 13.37 31.17 17.59
N LEU B 222 13.90 31.88 16.60
CA LEU B 222 14.37 31.30 15.37
C LEU B 222 15.91 31.21 15.39
N SER B 223 16.42 30.01 15.54
CA SER B 223 17.78 29.73 15.13
C SER B 223 17.86 29.57 13.59
N VAL B 224 18.72 30.37 12.98
CA VAL B 224 19.10 30.13 11.62
C VAL B 224 20.52 29.59 11.65
N GLU B 225 20.66 28.30 11.37
CA GLU B 225 21.99 27.70 11.22
C GLU B 225 22.43 27.69 9.78
N ILE B 226 23.70 28.02 9.54
CA ILE B 226 24.23 27.97 8.18
C ILE B 226 24.49 26.52 7.75
N MET B 227 23.99 26.15 6.57
CA MET B 227 24.42 24.94 5.85
C MET B 227 25.50 25.35 4.83
N GLY B 228 26.73 24.88 5.04
CA GLY B 228 27.89 25.47 4.36
C GLY B 228 27.97 25.10 2.91
N ARG B 229 28.79 25.86 2.20
CA ARG B 229 29.08 25.59 0.83
C ARG B 229 29.58 24.14 0.54
N GLY B 230 30.17 23.50 1.53
CA GLY B 230 30.59 22.12 1.35
C GLY B 230 29.45 21.08 1.41
N TYR B 231 28.19 21.53 1.63
CA TYR B 231 27.03 20.68 1.42
C TYR B 231 26.41 20.93 0.04
N ALA B 232 25.91 19.89 -0.59
CA ALA B 232 25.07 20.04 -1.74
C ALA B 232 23.59 20.05 -1.27
N TRP B 233 22.93 21.16 -1.59
CA TRP B 233 21.47 21.24 -1.54
C TRP B 233 20.97 21.41 -2.94
N LEU B 234 20.29 20.38 -3.46
CA LEU B 234 19.76 20.45 -4.78
C LEU B 234 18.22 20.55 -4.81
N ASP B 235 17.81 21.14 -5.92
CA ASP B 235 16.42 21.35 -6.13
C ASP B 235 16.07 20.58 -7.33
N THR B 236 14.96 19.89 -7.21
CA THR B 236 14.54 19.03 -8.28
C THR B 236 13.28 19.51 -8.92
N GLY B 237 13.22 20.82 -9.24
CA GLY B 237 11.98 21.49 -9.69
C GLY B 237 11.78 21.91 -11.15
N THR B 238 12.87 22.04 -11.92
CA THR B 238 12.76 22.08 -13.37
C THR B 238 13.22 20.73 -13.90
N HIS B 239 12.83 20.38 -15.13
CA HIS B 239 13.41 19.22 -15.82
C HIS B 239 14.91 19.31 -15.92
N ASP B 240 15.45 20.51 -16.11
CA ASP B 240 16.92 20.67 -16.11
C ASP B 240 17.55 20.29 -14.77
N SER B 241 16.98 20.76 -13.66
CA SER B 241 17.67 20.59 -12.36
C SER B 241 17.58 19.12 -11.91
N LEU B 242 16.47 18.48 -12.24
CA LEU B 242 16.24 17.08 -11.97
C LEU B 242 17.25 16.21 -12.70
N LEU B 243 17.62 16.64 -13.88
CA LEU B 243 18.67 16.00 -14.64
C LEU B 243 20.03 16.25 -14.00
N GLU B 244 20.27 17.48 -13.55
CA GLU B 244 21.52 17.80 -12.85
C GLU B 244 21.71 16.93 -11.60
N ALA B 245 20.62 16.68 -10.91
CA ALA B 245 20.71 15.99 -9.63
C ALA B 245 21.01 14.52 -9.85
N GLY B 246 20.45 13.95 -10.91
CA GLY B 246 20.75 12.61 -11.22
C GLY B 246 22.20 12.45 -11.56
N GLN B 247 22.70 13.28 -12.49
CA GLN B 247 24.15 13.31 -12.82
CA GLN B 247 24.15 13.29 -12.83
C GLN B 247 24.98 13.40 -11.54
N PHE B 248 24.53 14.26 -10.62
CA PHE B 248 25.28 14.49 -9.43
C PHE B 248 25.37 13.27 -8.51
N ILE B 249 24.24 12.62 -8.23
CA ILE B 249 24.18 11.47 -7.38
C ILE B 249 24.96 10.34 -8.08
N ALA B 250 24.70 10.12 -9.37
CA ALA B 250 25.36 9.08 -10.11
C ALA B 250 26.88 9.23 -10.10
N THR B 251 27.38 10.43 -10.25
CA THR B 251 28.81 10.61 -10.17
C THR B 251 29.31 10.15 -8.81
N LEU B 252 28.64 10.58 -7.73
CA LEU B 252 29.10 10.18 -6.37
C LEU B 252 29.03 8.67 -6.22
N GLU B 253 27.90 8.06 -6.59
CA GLU B 253 27.69 6.66 -6.32
C GLU B 253 28.66 5.81 -7.14
N ASN B 254 28.84 6.13 -8.41
CA ASN B 254 29.77 5.38 -9.25
C ASN B 254 31.24 5.58 -8.91
N ARG B 255 31.52 6.65 -8.19
CA ARG B 255 32.87 6.90 -7.73
C ARG B 255 33.17 6.03 -6.52
N GLN B 256 32.21 5.99 -5.60
CA GLN B 256 32.42 5.51 -4.26
C GLN B 256 32.03 4.04 -4.09
N GLY B 257 31.17 3.55 -4.95
CA GLY B 257 30.43 2.33 -4.66
C GLY B 257 29.64 2.42 -3.36
N LEU B 258 29.24 3.65 -2.96
CA LEU B 258 28.32 3.85 -1.84
C LEU B 258 27.14 4.65 -2.35
N LYS B 259 25.94 4.37 -1.84
CA LYS B 259 24.77 5.10 -2.28
C LYS B 259 24.51 6.26 -1.36
N VAL B 260 24.00 7.35 -1.93
CA VAL B 260 23.49 8.47 -1.17
C VAL B 260 22.01 8.23 -0.85
N ALA B 261 21.63 8.48 0.38
CA ALA B 261 20.22 8.47 0.83
C ALA B 261 19.44 7.21 0.54
N CYS B 262 20.06 6.09 0.82
CA CYS B 262 19.41 4.78 0.78
C CYS B 262 18.77 4.56 2.14
N PRO B 263 17.45 4.59 2.22
CA PRO B 263 16.71 4.41 3.50
C PRO B 263 17.06 3.14 4.27
N GLU B 264 17.18 2.01 3.58
CA GLU B 264 17.47 0.77 4.27
C GLU B 264 18.81 0.89 5.00
N GLU B 265 19.80 1.48 4.35
CA GLU B 265 21.14 1.62 4.92
C GLU B 265 21.12 2.51 6.12
N ILE B 266 20.36 3.60 6.03
CA ILE B 266 20.27 4.47 7.15
C ILE B 266 19.60 3.73 8.28
N ALA B 267 18.50 3.02 7.98
CA ALA B 267 17.83 2.26 9.01
C ALA B 267 18.80 1.23 9.64
N TYR B 268 19.55 0.52 8.81
CA TYR B 268 20.49 -0.48 9.33
C TYR B 268 21.59 0.12 10.21
N ARG B 269 22.14 1.26 9.81
CA ARG B 269 23.27 1.88 10.57
C ARG B 269 22.82 2.58 11.83
N GLN B 270 21.56 3.03 11.86
CA GLN B 270 20.96 3.60 13.06
C GLN B 270 20.50 2.54 14.03
N LYS B 271 20.62 1.28 13.60
CA LYS B 271 20.25 0.10 14.41
C LYS B 271 18.71 -0.06 14.58
N TRP B 272 17.95 0.42 13.62
CA TRP B 272 16.49 0.34 13.65
C TRP B 272 16.04 -0.94 13.05
N ILE B 273 16.92 -1.62 12.32
CA ILE B 273 16.69 -2.96 11.80
C ILE B 273 18.03 -3.70 11.89
N ASP B 274 17.99 -5.03 12.03
CA ASP B 274 19.20 -5.81 12.26
C ASP B 274 19.66 -6.47 10.98
N ALA B 275 20.80 -7.17 11.01
CA ALA B 275 21.30 -7.80 9.79
C ALA B 275 20.29 -8.82 9.19
N ALA B 276 19.53 -9.51 10.03
CA ALA B 276 18.60 -10.48 9.48
C ALA B 276 17.55 -9.76 8.66
N GLN B 277 17.04 -8.65 9.18
CA GLN B 277 15.99 -7.90 8.48
C GLN B 277 16.54 -7.26 7.21
N LEU B 278 17.75 -6.73 7.28
CA LEU B 278 18.37 -6.20 6.05
C LEU B 278 18.52 -7.27 4.98
N GLU B 279 18.86 -8.48 5.39
CA GLU B 279 18.97 -9.56 4.44
C GLU B 279 17.61 -9.86 3.78
N LYS B 280 16.54 -9.86 4.57
CA LYS B 280 15.21 -10.11 4.00
C LYS B 280 14.76 -9.01 3.04
N LEU B 281 15.13 -7.76 3.31
CA LEU B 281 14.85 -6.69 2.35
C LEU B 281 15.63 -6.81 1.08
N ALA B 282 16.85 -7.35 1.18
CA ALA B 282 17.72 -7.51 0.01
C ALA B 282 17.28 -8.62 -0.94
N ALA B 283 16.73 -9.69 -0.40
CA ALA B 283 16.31 -10.85 -1.20
C ALA B 283 15.47 -10.51 -2.45
N PRO B 284 14.30 -9.90 -2.28
CA PRO B 284 13.48 -9.63 -3.49
C PRO B 284 14.08 -8.65 -4.52
N LEU B 285 15.22 -8.03 -4.23
CA LEU B 285 15.92 -7.20 -5.23
C LEU B 285 17.31 -7.74 -5.58
N ALA B 286 17.58 -9.00 -5.22
CA ALA B 286 18.89 -9.66 -5.40
C ALA B 286 19.47 -9.60 -6.80
N LYS B 287 18.60 -9.62 -7.80
CA LYS B 287 19.02 -9.61 -9.21
C LYS B 287 19.21 -8.21 -9.77
N ASN B 288 19.20 -7.19 -8.90
CA ASN B 288 19.61 -5.86 -9.33
C ASN B 288 20.65 -5.24 -8.42
N GLY B 289 21.23 -4.13 -8.87
CA GLY B 289 22.34 -3.46 -8.18
C GLY B 289 21.98 -3.06 -6.77
N TYR B 290 20.73 -2.64 -6.58
CA TYR B 290 20.27 -2.13 -5.30
C TYR B 290 20.23 -3.24 -4.27
N GLY B 291 19.60 -4.34 -4.64
CA GLY B 291 19.64 -5.56 -3.82
C GLY B 291 21.06 -5.99 -3.56
N GLN B 292 21.90 -5.99 -4.57
CA GLN B 292 23.30 -6.45 -4.36
C GLN B 292 24.00 -5.49 -3.38
N TYR B 293 23.72 -4.19 -3.51
CA TYR B 293 24.25 -3.18 -2.59
C TYR B 293 23.80 -3.39 -1.15
N LEU B 294 22.52 -3.68 -0.92
CA LEU B 294 22.09 -3.97 0.44
C LEU B 294 22.80 -5.20 1.03
N LYS B 295 22.90 -6.26 0.23
CA LYS B 295 23.60 -7.45 0.62
C LYS B 295 25.03 -7.10 1.05
N ARG B 296 25.79 -6.45 0.17
CA ARG B 296 27.19 -6.12 0.50
C ARG B 296 27.35 -5.29 1.79
N LEU B 297 26.34 -4.50 2.18
CA LEU B 297 26.40 -3.81 3.46
C LEU B 297 26.48 -4.72 4.68
N LEU B 298 26.02 -5.97 4.55
CA LEU B 298 26.07 -6.90 5.65
C LEU B 298 27.49 -7.38 5.97
N THR B 299 28.38 -7.40 4.98
CA THR B 299 29.74 -7.95 5.15
C THR B 299 30.93 -6.99 4.90
N GLU B 300 30.67 -5.69 4.96
CA GLU B 300 31.71 -4.67 4.72
C GLU B 300 31.68 -3.66 5.85
N THR B 301 32.84 -3.29 6.35
CA THR B 301 32.90 -2.25 7.34
C THR B 301 33.05 -1.00 6.51
N VAL B 302 32.15 -0.06 6.72
CA VAL B 302 32.24 1.24 6.08
C VAL B 302 32.36 2.31 7.14
N TYR B 303 33.46 3.06 7.11
CA TYR B 303 33.77 4.11 8.06
C TYR B 303 33.03 5.41 7.75
N MET C 11 3.74 -2.52 48.85
CA MET C 11 4.53 -2.60 47.57
C MET C 11 3.65 -2.70 46.30
N LYS C 12 3.98 -1.89 45.30
CA LYS C 12 3.17 -1.81 44.08
C LYS C 12 3.64 -2.83 43.03
N ARG C 13 2.65 -3.33 42.29
CA ARG C 13 2.88 -4.35 41.28
C ARG C 13 2.67 -3.74 39.91
N LYS C 14 3.60 -4.04 39.03
CA LYS C 14 3.60 -3.53 37.64
C LYS C 14 3.07 -4.64 36.78
N GLY C 15 2.34 -4.28 35.72
CA GLY C 15 1.83 -5.26 34.78
C GLY C 15 2.45 -5.23 33.39
N ILE C 16 2.54 -6.40 32.78
CA ILE C 16 2.96 -6.54 31.38
C ILE C 16 1.90 -7.33 30.64
N ILE C 17 1.36 -6.77 29.54
CA ILE C 17 0.57 -7.54 28.56
C ILE C 17 1.46 -7.87 27.38
N LEU C 18 1.79 -9.14 27.22
CA LEU C 18 2.54 -9.54 26.07
C LEU C 18 1.54 -9.78 24.91
N ALA C 19 1.53 -8.89 23.92
CA ALA C 19 0.64 -9.04 22.78
C ALA C 19 1.41 -9.12 21.48
N GLY C 20 2.18 -10.19 21.33
CA GLY C 20 3.17 -10.32 20.26
C GLY C 20 2.68 -11.15 19.08
N GLY C 21 3.62 -11.67 18.28
CA GLY C 21 3.29 -12.35 17.03
C GLY C 21 2.86 -13.80 17.22
N SER C 22 1.71 -14.17 16.61
CA SER C 22 1.29 -15.59 16.50
C SER C 22 1.86 -16.26 15.25
N GLY C 23 2.96 -15.68 14.77
CA GLY C 23 3.63 -16.14 13.54
C GLY C 23 2.67 -16.11 12.35
N THR C 24 2.68 -17.20 11.57
CA THR C 24 1.78 -17.39 10.43
C THR C 24 0.64 -18.38 10.71
N ARG C 25 0.55 -18.87 11.94
CA ARG C 25 -0.34 -19.96 12.28
C ARG C 25 -1.81 -19.72 11.92
N LEU C 26 -2.23 -18.45 12.03
CA LEU C 26 -3.60 -18.06 11.72
C LEU C 26 -3.68 -17.14 10.50
N HIS C 27 -2.63 -17.15 9.68
CA HIS C 27 -2.67 -16.49 8.40
C HIS C 27 -3.59 -17.29 7.52
N PRO C 28 -4.40 -16.58 6.68
CA PRO C 28 -4.36 -15.16 6.42
C PRO C 28 -5.29 -14.27 7.24
N ALA C 29 -6.22 -14.86 8.01
CA ALA C 29 -7.05 -14.10 8.95
C ALA C 29 -6.26 -13.00 9.65
N THR C 30 -5.02 -13.29 10.01
CA THR C 30 -4.21 -12.33 10.77
C THR C 30 -3.10 -11.71 9.98
N LEU C 31 -3.21 -11.67 8.66
CA LEU C 31 -2.12 -11.12 7.87
C LEU C 31 -2.08 -9.59 8.12
N ALA C 32 -3.22 -8.92 7.97
CA ALA C 32 -3.28 -7.45 8.07
C ALA C 32 -3.15 -6.88 9.48
N ILE C 33 -3.35 -7.70 10.52
CA ILE C 33 -3.38 -7.15 11.89
C ILE C 33 -3.09 -8.21 12.92
N SER C 34 -2.40 -7.82 13.99
CA SER C 34 -2.08 -8.79 14.98
C SER C 34 -3.36 -9.16 15.74
N LYS C 35 -3.35 -10.43 16.08
CA LYS C 35 -4.47 -11.11 16.68
C LYS C 35 -5.08 -10.30 17.82
N GLN C 36 -4.27 -9.68 18.66
CA GLN C 36 -4.79 -9.04 19.90
C GLN C 36 -5.51 -7.72 19.68
N LEU C 37 -5.58 -7.28 18.41
CA LEU C 37 -6.41 -6.12 18.01
C LEU C 37 -7.73 -6.55 17.38
N LEU C 38 -7.85 -7.82 17.04
CA LEU C 38 -9.12 -8.32 16.54
C LEU C 38 -10.15 -8.22 17.67
N PRO C 39 -11.35 -7.78 17.36
CA PRO C 39 -12.35 -7.85 18.43
C PRO C 39 -12.78 -9.27 18.77
N VAL C 40 -13.03 -9.54 20.06
CA VAL C 40 -13.87 -10.70 20.48
C VAL C 40 -15.25 -10.16 20.86
N TYR C 41 -16.23 -10.51 20.04
CA TYR C 41 -17.55 -9.90 20.06
C TYR C 41 -17.46 -8.40 19.96
N ASP C 42 -17.75 -7.69 21.04
CA ASP C 42 -18.04 -6.27 20.93
C ASP C 42 -16.82 -5.39 21.18
N LYS C 43 -15.68 -6.00 21.46
CA LYS C 43 -14.53 -5.19 21.86
C LYS C 43 -13.19 -5.88 21.51
N PRO C 44 -12.11 -5.10 21.46
CA PRO C 44 -10.82 -5.65 21.03
C PRO C 44 -10.30 -6.62 22.01
N MET C 45 -9.62 -7.65 21.51
CA MET C 45 -9.16 -8.75 22.33
C MET C 45 -8.42 -8.23 23.57
N ILE C 46 -7.61 -7.19 23.40
CA ILE C 46 -6.65 -6.84 24.41
C ILE C 46 -7.41 -6.27 25.58
N TYR C 47 -8.62 -5.76 25.34
CA TYR C 47 -9.43 -5.25 26.45
C TYR C 47 -9.62 -6.29 27.55
N TYR C 48 -9.66 -7.57 27.18
CA TYR C 48 -9.92 -8.64 28.17
C TYR C 48 -8.77 -8.91 29.19
N PRO C 49 -7.54 -9.13 28.71
CA PRO C 49 -6.46 -9.25 29.67
C PRO C 49 -6.15 -7.94 30.39
N LEU C 50 -6.23 -6.82 29.71
CA LEU C 50 -6.09 -5.51 30.36
C LEU C 50 -7.06 -5.42 31.51
N SER C 51 -8.32 -5.74 31.26
CA SER C 51 -9.32 -5.65 32.35
C SER C 51 -8.94 -6.60 33.51
N THR C 52 -8.33 -7.73 33.20
CA THR C 52 -7.88 -8.65 34.22
C THR C 52 -6.82 -8.01 35.13
N LEU C 53 -5.77 -7.45 34.52
CA LEU C 53 -4.79 -6.68 35.25
C LEU C 53 -5.47 -5.61 36.09
N MET C 54 -6.45 -4.93 35.55
CA MET C 54 -7.08 -3.85 36.32
C MET C 54 -7.79 -4.43 37.58
N LEU C 55 -8.46 -5.57 37.43
CA LEU C 55 -9.15 -6.19 38.55
C LEU C 55 -8.15 -6.60 39.60
N ALA C 56 -6.98 -7.10 39.17
CA ALA C 56 -5.92 -7.40 40.15
C ALA C 56 -5.33 -6.11 40.77
N GLY C 57 -5.87 -4.93 40.44
CA GLY C 57 -5.47 -3.69 41.07
C GLY C 57 -4.25 -3.00 40.45
N ILE C 58 -3.77 -3.52 39.33
CA ILE C 58 -2.57 -3.02 38.68
C ILE C 58 -2.90 -1.87 37.73
N ARG C 59 -2.25 -0.73 37.93
CA ARG C 59 -2.56 0.44 37.13
C ARG C 59 -1.42 0.85 36.22
N GLU C 60 -0.23 0.29 36.44
CA GLU C 60 0.94 0.65 35.63
C GLU C 60 1.32 -0.50 34.73
N ILE C 61 1.13 -0.33 33.43
CA ILE C 61 1.15 -1.46 32.51
C ILE C 61 2.00 -1.21 31.28
N LEU C 62 2.89 -2.17 31.00
CA LEU C 62 3.63 -2.22 29.78
C LEU C 62 2.97 -3.17 28.77
N ILE C 63 2.53 -2.62 27.65
CA ILE C 63 2.10 -3.40 26.50
C ILE C 63 3.29 -3.66 25.58
N ILE C 64 3.65 -4.94 25.42
CA ILE C 64 4.66 -5.43 24.44
C ILE C 64 4.06 -6.12 23.22
N SER C 65 4.50 -5.71 22.03
CA SER C 65 3.94 -6.22 20.76
C SER C 65 4.96 -6.11 19.65
N THR C 66 4.59 -6.51 18.44
CA THR C 66 5.49 -6.44 17.30
C THR C 66 5.77 -4.99 16.92
N PRO C 67 6.85 -4.79 16.16
CA PRO C 67 7.13 -3.38 15.78
C PRO C 67 6.05 -2.82 14.85
N GLN C 68 5.46 -3.65 14.01
CA GLN C 68 4.46 -3.16 13.08
C GLN C 68 3.30 -2.61 13.90
N ASP C 69 2.93 -3.32 14.95
CA ASP C 69 1.62 -3.08 15.54
C ASP C 69 1.62 -2.18 16.77
N THR C 70 2.77 -2.01 17.42
CA THR C 70 2.80 -1.12 18.56
C THR C 70 2.00 0.17 18.38
N PRO C 71 2.21 0.87 17.27
CA PRO C 71 1.51 2.13 17.08
C PRO C 71 0.00 1.96 17.08
N ARG C 72 -0.46 0.83 16.58
CA ARG C 72 -1.88 0.56 16.58
C ARG C 72 -2.40 0.37 18.01
N PHE C 73 -1.64 -0.35 18.83
CA PHE C 73 -2.00 -0.47 20.23
C PHE C 73 -2.00 0.93 20.88
N GLN C 74 -1.00 1.77 20.58
CA GLN C 74 -0.94 3.13 21.11
C GLN C 74 -2.13 3.96 20.70
N GLN C 75 -2.45 3.93 19.41
CA GLN C 75 -3.64 4.60 18.94
C GLN C 75 -4.89 4.14 19.73
N LEU C 76 -5.02 2.84 19.97
CA LEU C 76 -6.21 2.31 20.66
C LEU C 76 -6.26 2.70 22.15
N LEU C 77 -5.15 2.56 22.86
CA LEU C 77 -5.13 2.70 24.33
C LEU C 77 -4.53 4.00 24.87
N GLY C 78 -3.73 4.69 24.06
CA GLY C 78 -3.13 6.00 24.48
C GLY C 78 -2.16 5.77 25.62
N ASP C 79 -2.06 6.74 26.53
CA ASP C 79 -1.18 6.60 27.73
C ASP C 79 -1.93 6.08 28.98
N GLY C 80 -3.21 5.80 28.79
CA GLY C 80 -4.04 5.23 29.85
C GLY C 80 -4.71 6.27 30.71
N SER C 81 -4.17 7.50 30.72
CA SER C 81 -4.66 8.55 31.59
C SER C 81 -6.18 8.64 31.58
N ASN C 82 -6.82 8.34 30.45
CA ASN C 82 -8.29 8.41 30.38
C ASN C 82 -9.03 7.35 31.19
N TRP C 83 -8.36 6.26 31.54
CA TRP C 83 -8.98 5.24 32.36
C TRP C 83 -8.31 5.13 33.69
N GLY C 84 -7.52 6.13 34.06
CA GLY C 84 -6.81 6.09 35.33
C GLY C 84 -5.62 5.15 35.37
N LEU C 85 -5.11 4.78 34.20
CA LEU C 85 -3.92 3.95 34.13
C LEU C 85 -2.72 4.75 33.67
N ASP C 86 -1.57 4.09 33.72
CA ASP C 86 -0.32 4.65 33.25
C ASP C 86 0.29 3.62 32.35
N LEU C 87 0.02 3.76 31.05
CA LEU C 87 0.42 2.77 30.09
C LEU C 87 1.70 3.18 29.39
N GLN C 88 2.59 2.21 29.23
CA GLN C 88 3.81 2.40 28.46
C GLN C 88 3.92 1.30 27.42
N TYR C 89 4.83 1.43 26.46
CA TYR C 89 4.89 0.47 25.34
C TYR C 89 6.28 0.04 24.98
N ALA C 90 6.41 -1.19 24.54
CA ALA C 90 7.69 -1.64 24.06
C ALA C 90 7.53 -2.79 23.05
N VAL C 91 8.57 -3.07 22.29
CA VAL C 91 8.46 -3.97 21.12
C VAL C 91 9.15 -5.31 21.33
N GLN C 92 8.68 -6.34 20.65
CA GLN C 92 9.35 -7.63 20.61
C GLN C 92 9.69 -7.86 19.14
N PRO C 93 10.94 -7.59 18.75
CA PRO C 93 11.33 -7.68 17.33
C PRO C 93 11.03 -9.02 16.67
N SER C 94 11.32 -10.09 17.39
CA SER C 94 11.14 -11.45 16.89
C SER C 94 10.42 -12.27 18.00
N PRO C 95 9.56 -13.24 17.63
CA PRO C 95 8.83 -13.98 18.69
C PRO C 95 9.65 -15.12 19.30
N ASP C 96 10.55 -14.74 20.20
CA ASP C 96 11.59 -15.64 20.73
C ASP C 96 11.26 -16.21 22.14
N GLY C 97 9.98 -16.31 22.47
CA GLY C 97 9.53 -16.91 23.73
C GLY C 97 8.86 -15.92 24.64
N LEU C 98 7.90 -16.40 25.43
CA LEU C 98 7.11 -15.53 26.29
C LEU C 98 7.96 -14.92 27.42
N ALA C 99 9.02 -15.62 27.81
CA ALA C 99 9.89 -15.16 28.91
C ALA C 99 10.68 -13.92 28.51
N GLN C 100 10.89 -13.75 27.21
CA GLN C 100 11.56 -12.58 26.67
C GLN C 100 10.92 -11.31 27.17
N ALA C 101 9.66 -11.39 27.59
CA ALA C 101 8.99 -10.21 28.12
C ALA C 101 9.74 -9.51 29.23
N PHE C 102 10.49 -10.29 30.00
CA PHE C 102 11.13 -9.79 31.21
C PHE C 102 12.46 -9.11 30.92
N LEU C 103 13.10 -9.50 29.83
CA LEU C 103 14.30 -8.79 29.40
C LEU C 103 13.85 -7.44 28.86
N ILE C 104 12.94 -7.48 27.88
CA ILE C 104 12.33 -6.26 27.31
C ILE C 104 11.73 -5.38 28.39
N GLY C 105 11.10 -5.98 29.38
CA GLY C 105 10.43 -5.23 30.46
C GLY C 105 11.30 -4.81 31.64
N GLU C 106 12.59 -5.18 31.61
CA GLU C 106 13.48 -4.98 32.75
C GLU C 106 13.46 -3.59 33.33
N SER C 107 13.68 -2.61 32.46
CA SER C 107 13.77 -1.22 32.92
C SER C 107 12.43 -0.77 33.51
N PHE C 108 11.34 -1.08 32.81
CA PHE C 108 9.97 -0.80 33.28
C PHE C 108 9.64 -1.49 34.61
N ILE C 109 10.05 -2.75 34.79
CA ILE C 109 9.81 -3.41 36.06
C ILE C 109 10.58 -2.71 37.19
N GLY C 110 11.86 -2.42 36.93
CA GLY C 110 12.71 -1.85 37.96
C GLY C 110 12.83 -2.80 39.14
N ASN C 111 12.59 -2.28 40.33
CA ASN C 111 12.70 -3.10 41.52
C ASN C 111 11.34 -3.52 42.10
N ASP C 112 10.27 -3.39 41.32
CA ASP C 112 8.95 -3.71 41.82
C ASP C 112 8.55 -5.17 41.60
N LEU C 113 7.39 -5.55 42.17
CA LEU C 113 6.70 -6.81 41.84
C LEU C 113 6.01 -6.67 40.49
N SER C 114 5.80 -7.79 39.80
CA SER C 114 5.19 -7.75 38.47
C SER C 114 4.07 -8.79 38.26
N ALA C 115 3.36 -8.63 37.15
CA ALA C 115 2.37 -9.60 36.68
C ALA C 115 2.39 -9.56 35.16
N LEU C 116 2.37 -10.74 34.54
CA LEU C 116 2.39 -10.90 33.10
C LEU C 116 1.08 -11.60 32.65
N VAL C 117 0.42 -11.03 31.64
CA VAL C 117 -0.78 -11.63 31.10
C VAL C 117 -0.66 -11.74 29.57
N LEU C 118 -1.09 -12.87 29.00
CA LEU C 118 -1.03 -13.04 27.56
C LEU C 118 -2.16 -12.27 26.93
N GLY C 119 -1.80 -11.49 25.93
CA GLY C 119 -2.68 -10.64 25.21
C GLY C 119 -3.85 -11.30 24.59
N ASP C 120 -3.81 -12.60 24.42
CA ASP C 120 -4.96 -13.27 23.86
C ASP C 120 -5.73 -14.18 24.84
N ASN C 121 -5.54 -14.02 26.14
CA ASN C 121 -6.19 -14.88 27.14
C ASN C 121 -7.37 -14.20 27.71
N LEU C 122 -8.56 -14.83 27.60
CA LEU C 122 -9.79 -14.31 28.19
C LEU C 122 -10.20 -15.15 29.41
N TYR C 123 -10.60 -14.45 30.48
CA TYR C 123 -11.09 -15.05 31.72
C TYR C 123 -12.46 -14.49 32.10
N TYR C 124 -13.34 -15.35 32.58
CA TYR C 124 -14.60 -14.92 33.14
C TYR C 124 -15.02 -15.80 34.30
N GLY C 125 -15.57 -15.17 35.32
CA GLY C 125 -16.27 -15.86 36.38
C GLY C 125 -16.48 -15.08 37.68
N HIS C 126 -17.12 -15.75 38.64
CA HIS C 126 -17.48 -15.18 39.95
C HIS C 126 -16.30 -15.14 40.91
N ASP C 127 -16.20 -14.04 41.65
CA ASP C 127 -15.14 -13.91 42.60
C ASP C 127 -13.76 -13.84 41.93
N PHE C 128 -13.72 -13.34 40.71
CA PHE C 128 -12.43 -13.25 40.04
C PHE C 128 -11.49 -12.25 40.74
N HIS C 129 -12.02 -11.18 41.34
CA HIS C 129 -11.21 -10.28 42.18
C HIS C 129 -10.45 -10.99 43.27
N GLU C 130 -11.14 -11.90 43.96
CA GLU C 130 -10.59 -12.58 45.12
C GLU C 130 -9.55 -13.57 44.67
N LEU C 131 -9.81 -14.29 43.60
CA LEU C 131 -8.88 -15.28 43.13
C LEU C 131 -7.57 -14.65 42.62
N LEU C 132 -7.66 -13.49 41.99
CA LEU C 132 -6.46 -12.71 41.67
C LEU C 132 -5.78 -12.18 42.96
N GLY C 133 -6.58 -11.51 43.81
CA GLY C 133 -6.13 -11.02 45.11
C GLY C 133 -5.16 -11.92 45.82
N SER C 134 -5.55 -13.17 45.99
CA SER C 134 -4.71 -14.13 46.69
C SER C 134 -3.35 -14.31 46.03
N ALA C 135 -3.23 -14.08 44.73
CA ALA C 135 -1.91 -14.08 44.11
C ALA C 135 -1.27 -12.72 44.26
N SER C 136 -2.09 -11.70 44.16
CA SER C 136 -1.61 -10.33 44.13
C SER C 136 -1.00 -9.90 45.46
N GLN C 137 -1.46 -10.52 46.56
CA GLN C 137 -1.11 -10.12 47.95
C GLN C 137 0.14 -10.85 48.51
N ARG C 138 0.47 -12.01 47.96
CA ARG C 138 1.77 -12.67 48.20
C ARG C 138 2.90 -11.80 47.69
N GLN C 139 3.68 -11.20 48.59
CA GLN C 139 4.79 -10.32 48.18
C GLN C 139 6.05 -11.07 47.77
N THR C 140 6.13 -12.38 48.02
CA THR C 140 7.30 -13.20 47.67
C THR C 140 6.95 -14.35 46.76
N GLY C 141 7.93 -14.80 45.99
CA GLY C 141 7.77 -15.93 45.08
C GLY C 141 6.93 -15.64 43.84
N ALA C 142 6.49 -16.72 43.19
CA ALA C 142 5.66 -16.70 42.00
C ALA C 142 4.31 -17.37 42.22
N SER C 143 3.28 -16.83 41.59
CA SER C 143 1.95 -17.43 41.61
C SER C 143 1.42 -17.58 40.18
N VAL C 144 1.08 -18.82 39.80
CA VAL C 144 0.38 -19.15 38.58
C VAL C 144 -0.96 -19.88 38.83
N PHE C 145 -1.72 -20.10 37.77
CA PHE C 145 -3.03 -20.78 37.89
C PHE C 145 -3.11 -22.01 37.01
N ALA C 146 -3.76 -23.06 37.52
CA ALA C 146 -3.90 -24.33 36.80
C ALA C 146 -5.37 -24.57 36.50
N TYR C 147 -5.69 -25.06 35.30
CA TYR C 147 -7.10 -25.18 34.82
C TYR C 147 -7.22 -26.45 34.01
N HIS C 148 -8.22 -27.26 34.38
CA HIS C 148 -8.45 -28.49 33.71
C HIS C 148 -8.86 -28.22 32.28
N VAL C 149 -8.23 -28.90 31.33
CA VAL C 149 -8.49 -28.75 29.89
C VAL C 149 -8.46 -30.11 29.23
N LEU C 150 -9.05 -30.21 28.06
CA LEU C 150 -9.12 -31.46 27.31
C LEU C 150 -7.82 -31.81 26.60
N ASP C 151 -7.06 -30.79 26.23
CA ASP C 151 -5.91 -30.93 25.34
C ASP C 151 -4.66 -30.37 26.01
N PRO C 152 -4.25 -30.97 27.12
CA PRO C 152 -3.16 -30.43 27.88
C PRO C 152 -1.84 -30.32 27.13
N GLU C 153 -1.65 -31.18 26.11
CA GLU C 153 -0.41 -31.17 25.27
C GLU C 153 -0.06 -29.83 24.70
N ARG C 154 -1.05 -28.93 24.62
CA ARG C 154 -0.83 -27.68 23.94
C ARG C 154 -0.21 -26.66 24.85
N TYR C 155 -0.24 -26.93 26.15
CA TYR C 155 0.16 -25.95 27.16
C TYR C 155 1.30 -26.43 28.04
N GLY C 156 1.56 -25.62 29.09
CA GLY C 156 2.37 -26.05 30.24
C GLY C 156 1.53 -26.86 31.21
N VAL C 157 1.97 -28.08 31.47
CA VAL C 157 1.24 -29.03 32.25
C VAL C 157 1.91 -29.18 33.62
N VAL C 158 1.11 -29.02 34.67
CA VAL C 158 1.52 -29.10 36.07
C VAL C 158 1.09 -30.46 36.63
N GLU C 159 2.02 -31.16 37.27
CA GLU C 159 1.71 -32.47 37.84
C GLU C 159 1.57 -32.27 39.32
N PHE C 160 0.55 -32.89 39.91
CA PHE C 160 0.35 -32.85 41.35
C PHE C 160 0.62 -34.23 41.95
N ASP C 161 1.14 -34.26 43.18
CA ASP C 161 1.26 -35.54 43.90
C ASP C 161 -0.05 -35.84 44.61
N GLN C 162 -0.15 -37.04 45.19
CA GLN C 162 -1.40 -37.51 45.80
C GLN C 162 -1.98 -36.55 46.83
N GLY C 163 -1.15 -35.69 47.42
CA GLY C 163 -1.63 -34.66 48.34
C GLY C 163 -1.95 -33.32 47.71
N GLY C 164 -1.98 -33.28 46.38
CA GLY C 164 -2.29 -32.03 45.68
C GLY C 164 -1.15 -31.03 45.68
N LYS C 165 0.09 -31.49 45.83
CA LYS C 165 1.26 -30.61 45.74
C LYS C 165 1.83 -30.63 44.31
N ALA C 166 2.16 -29.43 43.81
CA ALA C 166 2.78 -29.25 42.49
C ALA C 166 4.19 -29.75 42.53
N ILE C 167 4.54 -30.68 41.63
CA ILE C 167 5.84 -31.34 41.68
C ILE C 167 6.60 -31.39 40.37
N SER C 168 5.92 -31.24 39.24
CA SER C 168 6.58 -31.00 37.95
C SER C 168 5.77 -30.06 37.04
N LEU C 169 6.49 -29.34 36.18
CA LEU C 169 5.94 -28.57 35.13
C LEU C 169 6.58 -29.07 33.86
N GLU C 170 5.80 -29.17 32.78
CA GLU C 170 6.35 -29.59 31.48
C GLU C 170 5.66 -28.84 30.32
N GLU C 171 6.47 -28.41 29.36
CA GLU C 171 6.00 -27.54 28.29
C GLU C 171 5.63 -28.39 27.07
N LYS C 172 4.37 -28.27 26.66
CA LYS C 172 3.82 -29.04 25.55
C LYS C 172 4.33 -30.49 25.53
N PRO C 173 4.17 -31.22 26.64
CA PRO C 173 4.57 -32.62 26.66
C PRO C 173 3.75 -33.50 25.73
N LEU C 174 4.42 -34.43 25.05
CA LEU C 174 3.74 -35.45 24.23
C LEU C 174 2.87 -36.43 25.06
N GLU C 175 3.23 -36.66 26.33
CA GLU C 175 2.49 -37.56 27.22
C GLU C 175 2.25 -36.82 28.52
N PRO C 176 1.22 -35.96 28.54
CA PRO C 176 0.98 -35.12 29.68
C PRO C 176 0.72 -35.92 30.95
N LYS C 177 1.18 -35.38 32.07
CA LYS C 177 1.08 -36.04 33.36
C LYS C 177 -0.27 -35.80 34.02
N SER C 178 -0.93 -34.71 33.66
CA SER C 178 -2.27 -34.43 34.10
C SER C 178 -3.00 -33.70 32.99
N ASN C 179 -4.25 -33.32 33.24
CA ASN C 179 -5.00 -32.45 32.37
C ASN C 179 -4.99 -31.00 32.86
N TYR C 180 -4.12 -30.67 33.80
CA TYR C 180 -4.07 -29.31 34.34
C TYR C 180 -3.08 -28.38 33.59
N ALA C 181 -3.62 -27.34 32.99
CA ALA C 181 -2.84 -26.45 32.17
C ALA C 181 -2.53 -25.20 32.93
N VAL C 182 -1.33 -24.68 32.73
CA VAL C 182 -1.03 -23.40 33.32
C VAL C 182 -1.68 -22.32 32.47
N THR C 183 -2.50 -21.46 33.06
CA THR C 183 -3.06 -20.37 32.30
C THR C 183 -2.01 -19.28 32.01
N GLY C 184 -2.39 -18.28 31.21
CA GLY C 184 -1.48 -17.22 30.78
C GLY C 184 -1.62 -15.99 31.64
N LEU C 185 -1.59 -16.20 32.96
CA LEU C 185 -1.60 -15.09 33.92
C LEU C 185 -0.57 -15.48 34.94
N TYR C 186 0.40 -14.60 35.17
CA TYR C 186 1.49 -14.90 36.07
C TYR C 186 1.85 -13.76 37.02
N PHE C 187 2.13 -14.11 38.27
CA PHE C 187 2.52 -13.11 39.29
C PHE C 187 3.91 -13.40 39.83
N TYR C 188 4.72 -12.36 39.92
CA TYR C 188 6.14 -12.53 40.20
C TYR C 188 6.68 -11.43 41.11
N ASP C 189 7.72 -11.82 41.87
CA ASP C 189 8.43 -10.92 42.79
C ASP C 189 9.63 -10.36 42.04
N GLN C 190 10.59 -9.81 42.78
CA GLN C 190 11.75 -9.14 42.19
C GLN C 190 12.78 -10.09 41.64
N GLN C 191 12.57 -11.40 41.73
CA GLN C 191 13.53 -12.35 41.20
C GLN C 191 13.31 -12.67 39.74
N VAL C 192 12.17 -12.27 39.18
CA VAL C 192 11.82 -12.76 37.85
C VAL C 192 12.78 -12.29 36.76
N VAL C 193 13.10 -11.00 36.77
CA VAL C 193 14.04 -10.44 35.81
C VAL C 193 15.36 -11.24 35.83
N ASP C 194 15.96 -11.42 37.02
CA ASP C 194 17.26 -12.09 37.14
C ASP C 194 17.16 -13.54 36.70
N ILE C 195 16.06 -14.22 37.05
CA ILE C 195 15.82 -15.57 36.55
C ILE C 195 15.69 -15.58 35.04
N ALA C 196 15.01 -14.57 34.53
CA ALA C 196 14.78 -14.44 33.08
C ALA C 196 16.11 -14.27 32.38
N ARG C 197 16.91 -13.34 32.88
CA ARG C 197 18.23 -13.11 32.28
C ARG C 197 19.11 -14.37 32.17
N ASP C 198 19.00 -15.30 33.10
CA ASP C 198 19.84 -16.52 33.08
C ASP C 198 19.29 -17.66 32.25
N LEU C 199 18.15 -17.44 31.58
CA LEU C 199 17.52 -18.53 30.85
C LEU C 199 18.23 -18.85 29.54
N LYS C 200 18.35 -20.15 29.26
CA LYS C 200 18.90 -20.60 27.98
C LYS C 200 17.74 -20.81 27.00
N PRO C 201 17.99 -20.55 25.70
CA PRO C 201 16.95 -20.93 24.75
C PRO C 201 16.71 -22.43 24.78
N SER C 202 15.50 -22.82 24.41
CA SER C 202 15.10 -24.23 24.42
C SER C 202 15.40 -24.85 23.02
N PRO C 203 15.12 -26.17 22.83
CA PRO C 203 15.31 -26.77 21.49
C PRO C 203 14.53 -26.06 20.38
N ARG C 204 13.40 -25.42 20.73
CA ARG C 204 12.56 -24.74 19.75
C ARG C 204 13.07 -23.34 19.40
N GLY C 205 14.12 -22.87 20.09
CA GLY C 205 14.64 -21.50 19.92
C GLY C 205 13.92 -20.43 20.76
N GLU C 206 13.19 -20.87 21.79
CA GLU C 206 12.39 -19.98 22.63
C GLU C 206 12.89 -19.92 24.07
N LEU C 207 12.70 -18.76 24.68
CA LEU C 207 12.86 -18.54 26.10
C LEU C 207 11.50 -18.82 26.78
N GLU C 208 11.38 -19.96 27.41
CA GLU C 208 10.11 -20.48 27.84
C GLU C 208 9.66 -19.91 29.21
N ILE C 209 8.40 -19.49 29.31
CA ILE C 209 7.83 -19.12 30.59
C ILE C 209 7.79 -20.34 31.55
N THR C 210 7.69 -21.56 31.02
CA THR C 210 7.72 -22.73 31.90
C THR C 210 9.07 -22.95 32.62
N ASP C 211 10.18 -22.60 31.97
CA ASP C 211 11.49 -22.62 32.66
C ASP C 211 11.50 -21.59 33.78
N VAL C 212 10.98 -20.40 33.52
CA VAL C 212 10.88 -19.37 34.58
C VAL C 212 10.12 -19.94 35.74
N ASN C 213 8.94 -20.50 35.47
CA ASN C 213 8.13 -21.08 36.54
C ASN C 213 8.77 -22.35 37.14
N ARG C 214 9.45 -23.18 36.36
CA ARG C 214 10.14 -24.31 36.99
C ARG C 214 11.20 -23.86 38.03
N ALA C 215 11.92 -22.78 37.73
CA ALA C 215 12.95 -22.29 38.64
C ALA C 215 12.33 -21.90 39.97
N TYR C 216 11.19 -21.21 39.95
CA TYR C 216 10.49 -20.93 41.20
C TYR C 216 10.01 -22.23 41.89
N LEU C 217 9.65 -23.25 41.12
CA LEU C 217 9.18 -24.52 41.73
C LEU C 217 10.36 -25.18 42.45
N GLU C 218 11.49 -25.30 41.75
CA GLU C 218 12.73 -25.87 42.32
C GLU C 218 13.26 -25.13 43.57
N ARG C 219 12.95 -23.83 43.72
CA ARG C 219 13.20 -23.08 44.97
C ARG C 219 12.05 -23.24 46.00
N GLY C 220 11.02 -24.07 45.71
CA GLY C 220 9.81 -24.11 46.54
C GLY C 220 9.04 -22.79 46.64
N GLN C 221 9.04 -21.96 45.61
CA GLN C 221 8.36 -20.65 45.70
C GLN C 221 7.24 -20.41 44.65
N LEU C 222 6.75 -21.51 44.06
CA LEU C 222 5.65 -21.47 43.14
C LEU C 222 4.36 -21.87 43.85
N SER C 223 3.48 -20.91 44.06
CA SER C 223 2.09 -21.22 44.33
C SER C 223 1.37 -21.54 43.00
N VAL C 224 0.79 -22.73 42.93
CA VAL C 224 -0.11 -23.12 41.87
C VAL C 224 -1.52 -23.10 42.45
N GLU C 225 -2.27 -22.05 42.17
CA GLU C 225 -3.65 -21.96 42.59
C GLU C 225 -4.58 -22.53 41.52
N ILE C 226 -5.56 -23.33 41.95
CA ILE C 226 -6.51 -23.94 41.01
C ILE C 226 -7.52 -22.94 40.58
N MET C 227 -7.65 -22.77 39.27
CA MET C 227 -8.77 -22.01 38.70
C MET C 227 -9.87 -23.03 38.36
N GLY C 228 -10.99 -22.96 39.08
CA GLY C 228 -11.96 -24.03 39.04
C GLY C 228 -12.75 -24.12 37.73
N ARG C 229 -13.39 -25.27 37.57
CA ARG C 229 -14.28 -25.50 36.47
C ARG C 229 -15.42 -24.46 36.35
N GLY C 230 -15.71 -23.78 37.45
CA GLY C 230 -16.67 -22.70 37.40
C GLY C 230 -16.17 -21.34 36.87
N TYR C 231 -14.90 -21.28 36.46
CA TYR C 231 -14.40 -20.14 35.66
C TYR C 231 -14.35 -20.51 34.17
N ALA C 232 -14.64 -19.53 33.34
CA ALA C 232 -14.24 -19.61 31.94
C ALA C 232 -12.81 -19.10 31.74
N TRP C 233 -11.91 -19.98 31.27
CA TRP C 233 -10.68 -19.53 30.63
C TRP C 233 -10.73 -19.85 29.14
N LEU C 234 -10.91 -18.85 28.28
CA LEU C 234 -11.20 -19.16 26.85
C LEU C 234 -9.96 -19.13 25.94
N ASP C 235 -10.12 -19.99 24.94
CA ASP C 235 -9.14 -20.40 23.96
C ASP C 235 -9.27 -19.44 22.78
N THR C 236 -8.20 -18.74 22.43
CA THR C 236 -8.20 -17.94 21.21
C THR C 236 -7.16 -18.37 20.21
N GLY C 237 -6.83 -19.64 20.18
CA GLY C 237 -5.69 -20.14 19.39
C GLY C 237 -5.98 -20.79 18.04
N THR C 238 -7.25 -21.15 17.83
CA THR C 238 -7.70 -21.54 16.53
C THR C 238 -8.79 -20.59 16.06
N HIS C 239 -9.04 -20.56 14.75
CA HIS C 239 -10.19 -19.85 14.24
C HIS C 239 -11.45 -20.32 14.89
N ASP C 240 -11.56 -21.62 15.12
CA ASP C 240 -12.78 -22.17 15.77
C ASP C 240 -12.95 -21.61 17.18
N SER C 241 -11.88 -21.55 17.96
CA SER C 241 -12.04 -21.21 19.37
C SER C 241 -12.34 -19.72 19.52
N LEU C 242 -11.74 -18.94 18.64
CA LEU C 242 -11.94 -17.49 18.60
C LEU C 242 -13.41 -17.19 18.38
N LEU C 243 -14.03 -18.04 17.58
CA LEU C 243 -15.42 -17.91 17.27
C LEU C 243 -16.25 -18.32 18.49
N GLU C 244 -15.86 -19.44 19.10
CA GLU C 244 -16.54 -19.93 20.29
C GLU C 244 -16.56 -18.84 21.37
N ALA C 245 -15.50 -18.03 21.41
CA ALA C 245 -15.33 -17.03 22.46
C ALA C 245 -16.24 -15.88 22.29
N GLY C 246 -16.40 -15.48 21.05
CA GLY C 246 -17.29 -14.37 20.73
C GLY C 246 -18.71 -14.77 21.05
N GLN C 247 -19.10 -15.97 20.64
CA GLN C 247 -20.40 -16.54 20.97
CA GLN C 247 -20.43 -16.54 21.00
C GLN C 247 -20.62 -16.55 22.48
N PHE C 248 -19.59 -16.96 23.19
CA PHE C 248 -19.64 -17.04 24.64
C PHE C 248 -19.83 -15.68 25.31
N ILE C 249 -19.04 -14.67 24.93
CA ILE C 249 -19.19 -13.34 25.47
C ILE C 249 -20.58 -12.81 25.11
N ALA C 250 -20.94 -12.89 23.81
CA ALA C 250 -22.25 -12.34 23.35
C ALA C 250 -23.47 -12.97 24.09
N THR C 251 -23.43 -14.27 24.33
CA THR C 251 -24.47 -14.91 25.12
C THR C 251 -24.57 -14.30 26.53
N LEU C 252 -23.43 -14.08 27.20
CA LEU C 252 -23.43 -13.47 28.52
C LEU C 252 -23.97 -12.04 28.48
N GLU C 253 -23.43 -11.23 27.60
CA GLU C 253 -23.77 -9.85 27.57
C GLU C 253 -25.23 -9.67 27.22
N ASN C 254 -25.73 -10.39 26.22
CA ASN C 254 -27.14 -10.22 25.80
C ASN C 254 -28.16 -10.79 26.82
N ARG C 255 -27.70 -11.66 27.69
CA ARG C 255 -28.50 -12.21 28.74
C ARG C 255 -28.64 -11.19 29.84
N GLN C 256 -27.52 -10.55 30.19
CA GLN C 256 -27.41 -9.76 31.42
C GLN C 256 -27.65 -8.28 31.22
N GLY C 257 -27.46 -7.83 30.00
CA GLY C 257 -27.30 -6.39 29.78
C GLY C 257 -26.09 -5.82 30.52
N LEU C 258 -25.10 -6.67 30.86
CA LEU C 258 -23.85 -6.20 31.43
C LEU C 258 -22.69 -6.71 30.60
N LYS C 259 -21.63 -5.89 30.43
CA LYS C 259 -20.52 -6.28 29.59
C LYS C 259 -19.46 -6.99 30.42
N VAL C 260 -18.81 -7.99 29.83
CA VAL C 260 -17.59 -8.58 30.37
C VAL C 260 -16.36 -7.75 29.95
N ALA C 261 -15.47 -7.51 30.90
CA ALA C 261 -14.14 -6.94 30.62
C ALA C 261 -14.16 -5.61 29.86
N CYS C 262 -15.06 -4.72 30.23
CA CYS C 262 -15.08 -3.37 29.76
C CYS C 262 -14.15 -2.56 30.63
N PRO C 263 -13.02 -2.09 30.10
CA PRO C 263 -12.02 -1.35 30.88
C PRO C 263 -12.57 -0.12 31.58
N GLU C 264 -13.41 0.65 30.90
CA GLU C 264 -13.91 1.88 31.49
C GLU C 264 -14.69 1.55 32.74
N GLU C 265 -15.48 0.48 32.68
CA GLU C 265 -16.32 0.08 33.81
C GLU C 265 -15.46 -0.39 34.98
N ILE C 266 -14.41 -1.13 34.68
CA ILE C 266 -13.52 -1.52 35.74
C ILE C 266 -12.87 -0.29 36.35
N ALA C 267 -12.42 0.65 35.52
CA ALA C 267 -11.82 1.89 36.06
C ALA C 267 -12.82 2.65 36.92
N TYR C 268 -14.05 2.78 36.44
CA TYR C 268 -15.06 3.49 37.20
C TYR C 268 -15.38 2.82 38.56
N ARG C 269 -15.47 1.50 38.59
CA ARG C 269 -15.84 0.78 39.83
C ARG C 269 -14.70 0.66 40.83
N GLN C 270 -13.47 0.69 40.34
CA GLN C 270 -12.30 0.76 41.21
C GLN C 270 -12.04 2.17 41.72
N LYS C 271 -12.84 3.15 41.25
CA LYS C 271 -12.76 4.56 41.63
C LYS C 271 -11.49 5.24 41.08
N TRP C 272 -11.00 4.76 39.93
CA TRP C 272 -9.83 5.34 39.26
C TRP C 272 -10.21 6.45 38.34
N ILE C 273 -11.50 6.55 38.03
CA ILE C 273 -12.09 7.70 37.33
C ILE C 273 -13.46 7.98 37.99
N ASP C 274 -13.91 9.24 37.93
CA ASP C 274 -15.19 9.64 38.54
C ASP C 274 -16.31 9.72 37.52
N ALA C 275 -17.53 10.00 37.96
CA ALA C 275 -18.67 10.06 37.05
C ALA C 275 -18.51 11.10 35.91
N ALA C 276 -17.85 12.22 36.21
CA ALA C 276 -17.69 13.23 35.15
C ALA C 276 -16.80 12.64 34.05
N GLN C 277 -15.72 11.95 34.42
CA GLN C 277 -14.79 11.39 33.43
C GLN C 277 -15.46 10.26 32.65
N LEU C 278 -16.20 9.40 33.33
CA LEU C 278 -16.94 8.38 32.63
C LEU C 278 -17.91 8.96 31.62
N GLU C 279 -18.55 10.08 31.96
CA GLU C 279 -19.43 10.73 31.00
C GLU C 279 -18.67 11.22 29.75
N LYS C 280 -17.50 11.80 29.95
CA LYS C 280 -16.71 12.28 28.81
C LYS C 280 -16.25 11.14 27.90
N LEU C 281 -15.93 9.98 28.48
CA LEU C 281 -15.60 8.79 27.67
C LEU C 281 -16.79 8.26 26.89
N ALA C 282 -18.00 8.42 27.44
CA ALA C 282 -19.21 7.96 26.76
C ALA C 282 -19.60 8.82 25.55
N ALA C 283 -19.37 10.12 25.62
CA ALA C 283 -19.81 11.06 24.55
C ALA C 283 -19.43 10.63 23.14
N PRO C 284 -18.13 10.46 22.87
CA PRO C 284 -17.78 10.15 21.48
C PRO C 284 -18.26 8.80 20.93
N LEU C 285 -18.86 7.96 21.77
CA LEU C 285 -19.48 6.70 21.29
C LEU C 285 -21.01 6.66 21.54
N ALA C 286 -21.61 7.82 21.86
CA ALA C 286 -23.01 7.94 22.27
C ALA C 286 -24.03 7.32 21.31
N LYS C 287 -23.70 7.29 20.02
CA LYS C 287 -24.64 6.78 19.04
C LYS C 287 -24.55 5.25 18.88
N ASN C 288 -23.74 4.58 19.69
CA ASN C 288 -23.69 3.12 19.63
C ASN C 288 -23.89 2.50 20.99
N GLY C 289 -24.08 1.17 20.99
CA GLY C 289 -24.38 0.40 22.19
C GLY C 289 -23.37 0.58 23.31
N TYR C 290 -22.09 0.70 22.93
CA TYR C 290 -21.01 0.75 23.90
C TYR C 290 -21.05 2.07 24.63
N GLY C 291 -21.11 3.16 23.87
CA GLY C 291 -21.34 4.46 24.47
C GLY C 291 -22.61 4.45 25.33
N GLN C 292 -23.71 3.88 24.83
CA GLN C 292 -24.96 3.93 25.57
C GLN C 292 -24.77 3.15 26.90
N TYR C 293 -24.01 2.04 26.82
CA TYR C 293 -23.68 1.26 27.99
C TYR C 293 -22.89 2.03 29.01
N LEU C 294 -21.90 2.78 28.58
CA LEU C 294 -21.14 3.56 29.55
C LEU C 294 -22.01 4.60 30.25
N LYS C 295 -22.85 5.29 29.47
CA LYS C 295 -23.78 6.28 30.04
C LYS C 295 -24.62 5.57 31.12
N ARG C 296 -25.28 4.47 30.77
CA ARG C 296 -26.15 3.78 31.74
C ARG C 296 -25.44 3.37 33.04
N LEU C 297 -24.13 3.14 33.01
CA LEU C 297 -23.41 2.85 34.25
C LEU C 297 -23.42 4.01 35.27
N LEU C 298 -23.61 5.24 34.78
CA LEU C 298 -23.63 6.41 35.67
C LEU C 298 -24.87 6.43 36.55
N THR C 299 -25.98 5.83 36.10
CA THR C 299 -27.28 5.92 36.80
C THR C 299 -27.95 4.55 37.07
N GLU C 300 -27.14 3.55 37.38
CA GLU C 300 -27.65 2.24 37.75
C GLU C 300 -26.78 1.67 38.83
N THR C 301 -27.39 1.05 39.83
CA THR C 301 -26.62 0.37 40.85
C THR C 301 -26.47 -1.06 40.36
N VAL C 302 -25.24 -1.57 40.33
CA VAL C 302 -25.01 -2.97 39.98
C VAL C 302 -24.24 -3.66 41.07
N TYR C 303 -24.82 -4.72 41.63
CA TYR C 303 -24.22 -5.51 42.71
C TYR C 303 -23.21 -6.52 42.22
N MET D 11 -1.66 -0.66 -49.03
CA MET D 11 -1.92 -1.58 -47.88
C MET D 11 -1.52 -0.95 -46.54
N LYS D 12 -2.41 -1.03 -45.55
CA LYS D 12 -2.20 -0.33 -44.29
C LYS D 12 -1.40 -1.17 -43.31
N ARG D 13 -0.56 -0.46 -42.55
CA ARG D 13 0.32 -1.08 -41.58
C ARG D 13 -0.11 -0.71 -40.17
N LYS D 14 -0.14 -1.73 -39.33
CA LYS D 14 -0.53 -1.61 -37.93
C LYS D 14 0.76 -1.54 -37.12
N GLY D 15 0.73 -0.81 -36.01
CA GLY D 15 1.88 -0.77 -35.08
C GLY D 15 1.69 -1.40 -33.72
N ILE D 16 2.77 -1.93 -33.18
CA ILE D 16 2.76 -2.48 -31.82
C ILE D 16 3.91 -1.84 -31.09
N ILE D 17 3.62 -1.26 -29.94
CA ILE D 17 4.65 -0.86 -28.97
C ILE D 17 4.70 -1.84 -27.82
N LEU D 18 5.77 -2.61 -27.73
CA LEU D 18 5.90 -3.52 -26.61
C LEU D 18 6.57 -2.76 -25.45
N ALA D 19 5.79 -2.47 -24.41
CA ALA D 19 6.24 -1.74 -23.23
C ALA D 19 6.35 -2.72 -22.10
N GLY D 20 7.24 -3.68 -22.25
CA GLY D 20 7.20 -4.87 -21.44
C GLY D 20 7.94 -4.69 -20.15
N GLY D 21 8.10 -5.80 -19.44
CA GLY D 21 8.57 -5.78 -18.06
C GLY D 21 10.09 -5.70 -17.95
N SER D 22 10.57 -4.75 -17.13
CA SER D 22 11.96 -4.78 -16.67
C SER D 22 12.07 -5.60 -15.36
N GLY D 23 11.00 -6.25 -14.89
CA GLY D 23 11.04 -6.98 -13.60
C GLY D 23 11.47 -6.06 -12.46
N THR D 24 12.45 -6.54 -11.70
CA THR D 24 13.04 -5.81 -10.57
C THR D 24 14.39 -5.17 -10.91
N ARG D 25 14.87 -5.30 -12.15
CA ARG D 25 16.21 -4.83 -12.56
C ARG D 25 16.45 -3.32 -12.27
N LEU D 26 15.39 -2.52 -12.32
CA LEU D 26 15.50 -1.08 -12.06
C LEU D 26 14.73 -0.65 -10.80
N HIS D 27 14.41 -1.62 -9.95
CA HIS D 27 13.88 -1.31 -8.64
C HIS D 27 15.01 -0.70 -7.87
N PRO D 28 14.70 0.33 -7.02
CA PRO D 28 13.35 0.77 -6.67
C PRO D 28 12.81 1.98 -7.49
N ALA D 29 13.62 2.64 -8.29
CA ALA D 29 13.15 3.67 -9.22
C ALA D 29 11.81 3.29 -9.87
N THR D 30 11.67 2.01 -10.22
CA THR D 30 10.47 1.54 -10.90
C THR D 30 9.52 0.74 -10.00
N LEU D 31 9.57 0.90 -8.69
CA LEU D 31 8.67 0.11 -7.80
C LEU D 31 7.23 0.62 -8.00
N ALA D 32 7.04 1.95 -7.98
CA ALA D 32 5.70 2.60 -8.11
C ALA D 32 5.21 2.79 -9.56
N ILE D 33 6.17 3.14 -10.41
CA ILE D 33 5.96 3.53 -11.80
C ILE D 33 6.87 2.68 -12.70
N SER D 34 6.36 2.16 -13.83
CA SER D 34 7.18 1.28 -14.70
C SER D 34 8.05 2.02 -15.71
N LYS D 35 9.06 1.33 -16.25
CA LYS D 35 10.12 1.97 -16.98
C LYS D 35 9.65 2.91 -18.06
N GLN D 36 8.70 2.47 -18.92
CA GLN D 36 8.35 3.22 -20.11
C GLN D 36 7.44 4.39 -19.81
N LEU D 37 7.13 4.57 -18.51
CA LEU D 37 6.44 5.78 -18.00
C LEU D 37 7.38 6.81 -17.37
N LEU D 38 8.62 6.43 -17.12
CA LEU D 38 9.64 7.36 -16.64
C LEU D 38 9.89 8.39 -17.72
N PRO D 39 10.02 9.65 -17.37
CA PRO D 39 10.33 10.60 -18.42
C PRO D 39 11.78 10.47 -18.87
N VAL D 40 12.05 10.69 -20.15
CA VAL D 40 13.38 11.08 -20.65
C VAL D 40 13.35 12.58 -20.92
N TYR D 41 14.08 13.33 -20.10
CA TYR D 41 14.00 14.80 -20.01
C TYR D 41 12.57 15.28 -19.80
N ASP D 42 11.95 15.85 -20.82
CA ASP D 42 10.75 16.63 -20.61
C ASP D 42 9.46 15.82 -20.85
N LYS D 43 9.59 14.54 -21.20
CA LYS D 43 8.42 13.77 -21.59
C LYS D 43 8.59 12.29 -21.32
N PRO D 44 7.46 11.60 -21.16
CA PRO D 44 7.52 10.18 -20.86
C PRO D 44 8.19 9.38 -21.93
N MET D 45 8.93 8.34 -21.51
CA MET D 45 9.70 7.49 -22.41
C MET D 45 8.90 7.01 -23.64
N ILE D 46 7.65 6.62 -23.42
CA ILE D 46 6.91 5.94 -24.47
C ILE D 46 6.59 6.94 -25.56
N TYR D 47 6.56 8.24 -25.27
CA TYR D 47 6.36 9.25 -26.32
C TYR D 47 7.37 9.11 -27.49
N TYR D 48 8.57 8.63 -27.19
CA TYR D 48 9.62 8.51 -28.21
C TYR D 48 9.38 7.39 -29.26
N PRO D 49 9.17 6.15 -28.83
CA PRO D 49 8.79 5.13 -29.85
C PRO D 49 7.41 5.35 -30.50
N LEU D 50 6.44 5.84 -29.74
CA LEU D 50 5.15 6.27 -30.34
C LEU D 50 5.40 7.26 -31.45
N SER D 51 6.19 8.30 -31.17
CA SER D 51 6.44 9.32 -32.21
C SER D 51 7.10 8.70 -33.44
N THR D 52 7.92 7.67 -33.23
CA THR D 52 8.57 6.98 -34.33
C THR D 52 7.55 6.32 -35.23
N LEU D 53 6.69 5.49 -34.63
CA LEU D 53 5.59 4.89 -35.37
C LEU D 53 4.83 5.95 -36.12
N MET D 54 4.59 7.11 -35.50
CA MET D 54 3.81 8.14 -36.16
C MET D 54 4.52 8.65 -37.41
N LEU D 55 5.83 8.83 -37.31
CA LEU D 55 6.61 9.32 -38.44
C LEU D 55 6.57 8.31 -39.55
N ALA D 56 6.57 7.02 -39.21
CA ALA D 56 6.41 5.98 -40.22
C ALA D 56 5.00 5.93 -40.80
N GLY D 57 4.14 6.85 -40.38
CA GLY D 57 2.79 6.98 -40.96
C GLY D 57 1.75 6.06 -40.32
N ILE D 58 2.12 5.35 -39.24
CA ILE D 58 1.23 4.39 -38.61
C ILE D 58 0.35 5.03 -37.55
N ARG D 59 -0.95 4.85 -37.68
CA ARG D 59 -1.88 5.52 -36.78
C ARG D 59 -2.59 4.55 -35.88
N GLU D 60 -2.52 3.26 -36.19
CA GLU D 60 -3.27 2.24 -35.44
C GLU D 60 -2.28 1.39 -34.66
N ILE D 61 -2.30 1.54 -33.33
CA ILE D 61 -1.21 1.07 -32.51
C ILE D 61 -1.72 0.30 -31.30
N LEU D 62 -1.20 -0.90 -31.14
CA LEU D 62 -1.41 -1.71 -29.94
C LEU D 62 -0.24 -1.50 -28.96
N ILE D 63 -0.54 -0.99 -27.77
CA ILE D 63 0.39 -0.92 -26.67
C ILE D 63 0.21 -2.18 -25.82
N ILE D 64 1.25 -3.02 -25.80
CA ILE D 64 1.38 -4.15 -24.90
C ILE D 64 2.28 -3.88 -23.66
N SER D 65 1.83 -4.24 -22.47
CA SER D 65 2.70 -4.17 -21.26
C SER D 65 2.23 -5.19 -20.22
N THR D 66 2.83 -5.16 -19.03
CA THR D 66 2.44 -6.02 -17.94
C THR D 66 1.02 -5.73 -17.52
N PRO D 67 0.40 -6.66 -16.79
CA PRO D 67 -0.93 -6.39 -16.32
C PRO D 67 -1.03 -5.17 -15.41
N GLN D 68 -0.03 -4.97 -14.59
CA GLN D 68 -0.10 -3.85 -13.66
C GLN D 68 0.13 -2.52 -14.37
N ASP D 69 0.81 -2.51 -15.52
CA ASP D 69 1.13 -1.25 -16.20
C ASP D 69 0.19 -0.85 -17.32
N THR D 70 -0.38 -1.81 -18.02
CA THR D 70 -1.29 -1.46 -19.10
C THR D 70 -2.33 -0.38 -18.77
N PRO D 71 -3.05 -0.54 -17.64
CA PRO D 71 -4.02 0.49 -17.27
C PRO D 71 -3.39 1.86 -17.11
N ARG D 72 -2.13 1.88 -16.66
CA ARG D 72 -1.45 3.14 -16.48
C ARG D 72 -1.12 3.78 -17.81
N PHE D 73 -0.71 2.96 -18.77
CA PHE D 73 -0.55 3.49 -20.13
C PHE D 73 -1.90 4.01 -20.67
N GLN D 74 -2.99 3.27 -20.43
CA GLN D 74 -4.33 3.72 -20.85
C GLN D 74 -4.75 5.02 -20.23
N GLN D 75 -4.57 5.12 -18.92
CA GLN D 75 -4.81 6.38 -18.23
C GLN D 75 -4.01 7.51 -18.88
N LEU D 76 -2.73 7.28 -19.20
CA LEU D 76 -1.90 8.33 -19.81
C LEU D 76 -2.31 8.71 -21.23
N LEU D 77 -2.51 7.72 -22.10
CA LEU D 77 -2.67 7.96 -23.56
C LEU D 77 -4.07 7.83 -24.12
N GLY D 78 -4.97 7.17 -23.37
CA GLY D 78 -6.37 7.09 -23.77
C GLY D 78 -6.47 6.24 -25.01
N ASP D 79 -7.43 6.57 -25.87
CA ASP D 79 -7.63 5.85 -27.13
C ASP D 79 -6.91 6.51 -28.32
N GLY D 80 -6.19 7.61 -28.08
CA GLY D 80 -5.38 8.23 -29.12
C GLY D 80 -6.15 9.25 -29.92
N SER D 81 -7.47 9.19 -29.85
CA SER D 81 -8.33 10.11 -30.59
C SER D 81 -7.84 11.54 -30.52
N ASN D 82 -7.23 11.94 -29.40
CA ASN D 82 -6.78 13.33 -29.26
C ASN D 82 -5.58 13.69 -30.13
N TRP D 83 -4.85 12.69 -30.60
CA TRP D 83 -3.75 12.94 -31.49
C TRP D 83 -3.96 12.35 -32.84
N GLY D 84 -5.20 12.03 -33.17
CA GLY D 84 -5.49 11.46 -34.48
C GLY D 84 -5.08 10.00 -34.61
N LEU D 85 -4.83 9.33 -33.50
CA LEU D 85 -4.48 7.92 -33.55
C LEU D 85 -5.65 7.05 -33.08
N ASP D 86 -5.47 5.75 -33.21
CA ASP D 86 -6.40 4.79 -32.69
C ASP D 86 -5.58 3.77 -31.90
N LEU D 87 -5.50 4.01 -30.59
CA LEU D 87 -4.69 3.20 -29.73
C LEU D 87 -5.53 2.13 -29.03
N GLN D 88 -5.01 0.91 -29.01
CA GLN D 88 -5.64 -0.19 -28.31
C GLN D 88 -4.62 -0.80 -27.37
N TYR D 89 -5.05 -1.65 -26.43
CA TYR D 89 -4.15 -2.13 -25.36
C TYR D 89 -4.23 -3.62 -25.14
N ALA D 90 -3.11 -4.24 -24.83
CA ALA D 90 -3.09 -5.67 -24.51
C ALA D 90 -2.02 -5.96 -23.46
N VAL D 91 -2.14 -7.08 -22.77
CA VAL D 91 -1.24 -7.40 -21.68
C VAL D 91 -0.35 -8.58 -21.96
N GLN D 92 0.81 -8.61 -21.31
CA GLN D 92 1.72 -9.75 -21.39
C GLN D 92 1.94 -10.27 -19.96
N PRO D 93 1.25 -11.39 -19.60
CA PRO D 93 1.23 -11.83 -18.20
C PRO D 93 2.61 -12.10 -17.67
N SER D 94 3.44 -12.73 -18.49
CA SER D 94 4.77 -13.11 -18.09
C SER D 94 5.73 -12.66 -19.20
N PRO D 95 6.93 -12.17 -18.84
CA PRO D 95 7.84 -11.69 -19.90
C PRO D 95 8.57 -12.84 -20.59
N ASP D 96 7.86 -13.51 -21.50
CA ASP D 96 8.30 -14.75 -22.14
C ASP D 96 8.87 -14.53 -23.56
N GLY D 97 9.41 -13.35 -23.82
CA GLY D 97 10.09 -13.07 -25.08
C GLY D 97 9.36 -12.02 -25.88
N LEU D 98 10.13 -11.25 -26.63
CA LEU D 98 9.56 -10.15 -27.41
C LEU D 98 8.64 -10.66 -28.53
N ALA D 99 8.90 -11.88 -29.03
CA ALA D 99 8.14 -12.47 -30.14
C ALA D 99 6.70 -12.81 -29.74
N GLN D 100 6.52 -13.04 -28.45
CA GLN D 100 5.19 -13.23 -27.87
C GLN D 100 4.25 -12.09 -28.23
N ALA D 101 4.78 -10.92 -28.57
CA ALA D 101 3.93 -9.79 -28.99
C ALA D 101 2.98 -10.15 -30.11
N PHE D 102 3.40 -11.09 -30.96
CA PHE D 102 2.64 -11.41 -32.17
C PHE D 102 1.50 -12.37 -31.90
N LEU D 103 1.64 -13.20 -30.87
CA LEU D 103 0.54 -14.05 -30.47
C LEU D 103 -0.51 -13.18 -29.78
N ILE D 104 -0.09 -12.43 -28.77
CA ILE D 104 -0.95 -11.42 -28.10
C ILE D 104 -1.58 -10.47 -29.11
N GLY D 105 -0.80 -10.05 -30.11
CA GLY D 105 -1.26 -9.06 -31.10
C GLY D 105 -2.04 -9.62 -32.28
N GLU D 106 -2.17 -10.94 -32.34
CA GLU D 106 -2.76 -11.63 -33.51
C GLU D 106 -4.07 -11.04 -33.97
N SER D 107 -5.02 -10.92 -33.06
CA SER D 107 -6.35 -10.44 -33.43
C SER D 107 -6.28 -9.00 -33.94
N PHE D 108 -5.53 -8.17 -33.21
CA PHE D 108 -5.27 -6.79 -33.63
C PHE D 108 -4.58 -6.67 -35.01
N ILE D 109 -3.60 -7.52 -35.28
CA ILE D 109 -2.91 -7.46 -36.57
C ILE D 109 -3.87 -7.85 -37.68
N GLY D 110 -4.64 -8.93 -37.44
CA GLY D 110 -5.53 -9.46 -38.44
C GLY D 110 -4.71 -9.86 -39.64
N ASN D 111 -5.15 -9.43 -40.80
CA ASN D 111 -4.45 -9.80 -42.00
C ASN D 111 -3.59 -8.67 -42.57
N ASP D 112 -3.33 -7.64 -41.76
CA ASP D 112 -2.57 -6.49 -42.23
C ASP D 112 -1.03 -6.66 -42.08
N LEU D 113 -0.28 -5.73 -42.66
CA LEU D 113 1.16 -5.58 -42.38
C LEU D 113 1.35 -4.93 -40.99
N SER D 114 2.49 -5.18 -40.37
CA SER D 114 2.74 -4.68 -39.04
C SER D 114 4.13 -4.05 -38.86
N ALA D 115 4.29 -3.38 -37.72
CA ALA D 115 5.56 -2.84 -37.27
C ALA D 115 5.61 -2.95 -35.76
N LEU D 116 6.74 -3.38 -35.24
CA LEU D 116 6.97 -3.50 -33.79
C LEU D 116 8.07 -2.56 -33.34
N VAL D 117 7.84 -1.81 -32.26
CA VAL D 117 8.86 -0.95 -31.67
C VAL D 117 8.98 -1.14 -30.14
N LEU D 118 10.22 -1.16 -29.63
CA LEU D 118 10.43 -1.41 -28.21
C LEU D 118 10.15 -0.12 -27.48
N GLY D 119 9.33 -0.25 -26.44
CA GLY D 119 8.87 0.87 -25.65
C GLY D 119 9.97 1.71 -25.04
N ASP D 120 11.18 1.20 -25.00
CA ASP D 120 12.27 1.98 -24.42
C ASP D 120 13.36 2.39 -25.44
N ASN D 121 13.06 2.39 -26.74
CA ASN D 121 14.06 2.69 -27.77
C ASN D 121 13.82 4.05 -28.28
N LEU D 122 14.86 4.91 -28.27
CA LEU D 122 14.71 6.28 -28.76
C LEU D 122 15.62 6.56 -29.98
N TYR D 123 15.05 7.25 -30.99
CA TYR D 123 15.71 7.53 -32.25
C TYR D 123 15.68 9.05 -32.56
N TYR D 124 16.79 9.58 -33.09
CA TYR D 124 16.87 10.97 -33.55
C TYR D 124 17.80 11.10 -34.73
N GLY D 125 17.38 11.91 -35.70
CA GLY D 125 18.26 12.33 -36.76
C GLY D 125 17.57 12.85 -38.01
N HIS D 126 18.40 13.24 -39.00
CA HIS D 126 17.94 13.83 -40.22
C HIS D 126 17.36 12.87 -41.22
N ASP D 127 16.27 13.25 -41.89
CA ASP D 127 15.64 12.37 -42.88
C ASP D 127 15.07 11.09 -42.27
N PHE D 128 14.64 11.15 -41.02
CA PHE D 128 14.17 9.93 -40.38
C PHE D 128 12.88 9.43 -41.06
N HIS D 129 12.08 10.33 -41.60
CA HIS D 129 10.87 9.94 -42.38
C HIS D 129 11.21 9.06 -43.55
N GLU D 130 12.30 9.41 -44.25
CA GLU D 130 12.68 8.75 -45.49
C GLU D 130 13.26 7.38 -45.16
N LEU D 131 14.06 7.31 -44.12
CA LEU D 131 14.64 6.05 -43.74
C LEU D 131 13.59 5.03 -43.28
N LEU D 132 12.57 5.48 -42.55
CA LEU D 132 11.45 4.62 -42.21
C LEU D 132 10.68 4.26 -43.48
N GLY D 133 10.32 5.28 -44.27
CA GLY D 133 9.62 5.11 -45.54
C GLY D 133 10.08 3.90 -46.32
N SER D 134 11.38 3.81 -46.54
CA SER D 134 11.93 2.72 -47.34
C SER D 134 11.62 1.34 -46.74
N ALA D 135 11.44 1.24 -45.45
CA ALA D 135 10.99 -0.04 -44.87
C ALA D 135 9.47 -0.12 -44.91
N SER D 136 8.82 1.01 -44.72
CA SER D 136 7.37 1.05 -44.64
C SER D 136 6.69 0.71 -45.98
N GLN D 137 7.37 0.97 -47.09
CA GLN D 137 6.81 0.80 -48.45
C GLN D 137 6.87 -0.66 -48.91
N ARG D 138 7.97 -1.35 -48.58
CA ARG D 138 8.16 -2.77 -48.91
C ARG D 138 6.96 -3.59 -48.36
N GLN D 139 6.10 -4.07 -49.24
CA GLN D 139 4.87 -4.75 -48.85
C GLN D 139 5.07 -6.24 -48.55
N THR D 140 6.25 -6.78 -48.85
CA THR D 140 6.56 -8.21 -48.54
C THR D 140 7.82 -8.37 -47.70
N GLY D 141 7.90 -9.48 -46.99
CA GLY D 141 9.05 -9.81 -46.16
C GLY D 141 9.15 -8.97 -44.91
N ALA D 142 10.36 -9.00 -44.33
CA ALA D 142 10.72 -8.27 -43.11
C ALA D 142 11.77 -7.21 -43.38
N SER D 143 11.66 -6.08 -42.69
CA SER D 143 12.70 -5.03 -42.73
C SER D 143 13.12 -4.63 -41.32
N VAL D 144 14.42 -4.76 -41.02
CA VAL D 144 15.03 -4.30 -39.78
C VAL D 144 16.20 -3.34 -40.05
N PHE D 145 16.74 -2.74 -38.99
CA PHE D 145 17.83 -1.76 -39.13
C PHE D 145 19.06 -2.18 -38.35
N ALA D 146 20.25 -1.92 -38.90
CA ALA D 146 21.51 -2.26 -38.27
C ALA D 146 22.24 -1.00 -37.91
N TYR D 147 22.87 -0.94 -36.73
CA TYR D 147 23.52 0.29 -36.25
C TYR D 147 24.78 -0.08 -35.51
N HIS D 148 25.86 0.57 -35.89
CA HIS D 148 27.16 0.31 -35.34
C HIS D 148 27.07 0.68 -33.87
N VAL D 149 27.51 -0.23 -33.00
CA VAL D 149 27.57 0.01 -31.54
C VAL D 149 28.89 -0.50 -30.97
N LEU D 150 29.24 -0.04 -29.78
CA LEU D 150 30.44 -0.52 -29.05
C LEU D 150 30.25 -1.89 -28.39
N ASP D 151 29.02 -2.22 -28.01
CA ASP D 151 28.73 -3.38 -27.17
C ASP D 151 27.71 -4.31 -27.85
N PRO D 152 28.07 -4.84 -29.02
CA PRO D 152 27.12 -5.62 -29.77
C PRO D 152 26.60 -6.87 -29.04
N GLU D 153 27.38 -7.40 -28.08
CA GLU D 153 26.96 -8.56 -27.27
C GLU D 153 25.61 -8.42 -26.59
N ARG D 154 25.13 -7.20 -26.43
CA ARG D 154 23.92 -6.96 -25.68
C ARG D 154 22.70 -7.15 -26.55
N TYR D 155 22.92 -7.16 -27.87
CA TYR D 155 21.81 -7.13 -28.83
C TYR D 155 21.83 -8.31 -29.79
N GLY D 156 20.93 -8.22 -30.78
CA GLY D 156 20.98 -9.06 -31.96
C GLY D 156 22.04 -8.54 -32.93
N VAL D 157 22.96 -9.42 -33.30
CA VAL D 157 24.04 -9.01 -34.17
C VAL D 157 23.87 -9.61 -35.54
N VAL D 158 24.00 -8.75 -36.56
CA VAL D 158 23.89 -9.13 -37.96
C VAL D 158 25.26 -9.18 -38.60
N GLU D 159 25.54 -10.27 -39.32
CA GLU D 159 26.82 -10.41 -39.98
C GLU D 159 26.58 -10.10 -41.44
N PHE D 160 27.47 -9.33 -42.04
CA PHE D 160 27.42 -9.05 -43.48
C PHE D 160 28.56 -9.77 -44.22
N ASP D 161 28.34 -10.19 -45.46
CA ASP D 161 29.43 -10.68 -46.33
C ASP D 161 30.13 -9.53 -47.05
N GLN D 162 31.23 -9.79 -47.77
CA GLN D 162 32.03 -8.73 -48.38
C GLN D 162 31.23 -7.75 -49.24
N GLY D 163 30.09 -8.20 -49.78
CA GLY D 163 29.23 -7.32 -50.58
C GLY D 163 28.15 -6.62 -49.79
N GLY D 164 28.25 -6.67 -48.47
CA GLY D 164 27.25 -6.02 -47.62
C GLY D 164 25.91 -6.73 -47.57
N LYS D 165 25.90 -8.04 -47.81
CA LYS D 165 24.68 -8.82 -47.66
C LYS D 165 24.61 -9.49 -46.27
N ALA D 166 23.42 -9.43 -45.66
CA ALA D 166 23.18 -10.04 -44.35
C ALA D 166 23.14 -11.54 -44.50
N ILE D 167 23.92 -12.26 -43.71
CA ILE D 167 24.10 -13.69 -43.84
C ILE D 167 23.97 -14.52 -42.54
N SER D 168 24.11 -13.88 -41.38
CA SER D 168 23.74 -14.48 -40.09
C SER D 168 23.22 -13.45 -39.08
N LEU D 169 22.33 -13.90 -38.21
CA LEU D 169 21.86 -13.13 -37.08
C LEU D 169 22.07 -13.93 -35.84
N GLU D 170 22.47 -13.29 -34.75
CA GLU D 170 22.73 -14.01 -33.50
C GLU D 170 22.33 -13.16 -32.31
N GLU D 171 21.70 -13.79 -31.33
CA GLU D 171 21.12 -13.10 -30.18
C GLU D 171 22.11 -13.11 -29.02
N LYS D 172 22.49 -11.92 -28.58
CA LYS D 172 23.46 -11.73 -27.51
C LYS D 172 24.63 -12.73 -27.58
N PRO D 173 25.30 -12.80 -28.73
CA PRO D 173 26.47 -13.66 -28.87
C PRO D 173 27.61 -13.23 -27.96
N LEU D 174 28.26 -14.20 -27.31
CA LEU D 174 29.50 -13.92 -26.56
C LEU D 174 30.69 -13.45 -27.44
N GLU D 175 30.71 -13.85 -28.72
CA GLU D 175 31.77 -13.46 -29.66
C GLU D 175 31.10 -12.93 -30.93
N PRO D 176 30.66 -11.68 -30.88
CA PRO D 176 29.91 -11.11 -31.98
C PRO D 176 30.67 -11.10 -33.31
N LYS D 177 29.95 -11.32 -34.40
CA LYS D 177 30.55 -11.38 -35.71
C LYS D 177 30.81 -10.00 -36.31
N SER D 178 30.04 -9.01 -35.86
CA SER D 178 30.27 -7.63 -36.24
C SER D 178 29.87 -6.75 -35.09
N ASN D 179 30.04 -5.45 -35.29
CA ASN D 179 29.56 -4.45 -34.35
C ASN D 179 28.24 -3.85 -34.82
N TYR D 180 27.56 -4.50 -35.77
CA TYR D 180 26.24 -4.03 -36.18
C TYR D 180 25.11 -4.65 -35.33
N ALA D 181 24.41 -3.80 -34.59
CA ALA D 181 23.31 -4.25 -33.75
C ALA D 181 22.00 -4.06 -34.48
N VAL D 182 21.06 -5.00 -34.28
CA VAL D 182 19.71 -4.82 -34.82
C VAL D 182 18.93 -3.93 -33.92
N THR D 183 18.46 -2.80 -34.40
CA THR D 183 17.70 -1.92 -33.51
C THR D 183 16.33 -2.48 -33.18
N GLY D 184 15.60 -1.82 -32.27
CA GLY D 184 14.30 -2.30 -31.77
C GLY D 184 13.17 -1.65 -32.53
N LEU D 185 13.31 -1.70 -33.85
CA LEU D 185 12.24 -1.27 -34.75
C LEU D 185 12.20 -2.35 -35.82
N TYR D 186 11.02 -2.93 -36.02
CA TYR D 186 10.86 -3.98 -36.97
C TYR D 186 9.63 -3.80 -37.89
N PHE D 187 9.78 -4.11 -39.18
CA PHE D 187 8.66 -4.08 -40.12
C PHE D 187 8.38 -5.48 -40.69
N TYR D 188 7.12 -5.88 -40.73
CA TYR D 188 6.74 -7.24 -41.08
C TYR D 188 5.51 -7.26 -41.99
N ASP D 189 5.44 -8.35 -42.77
CA ASP D 189 4.31 -8.64 -43.63
C ASP D 189 3.35 -9.59 -42.88
N GLN D 190 2.45 -10.23 -43.62
CA GLN D 190 1.42 -11.08 -43.01
C GLN D 190 1.94 -12.44 -42.56
N GLN D 191 3.22 -12.73 -42.78
CA GLN D 191 3.78 -14.01 -42.32
C GLN D 191 4.21 -14.02 -40.84
N VAL D 192 4.26 -12.86 -40.19
CA VAL D 192 4.92 -12.78 -38.90
C VAL D 192 4.21 -13.57 -37.82
N VAL D 193 2.89 -13.41 -37.74
CA VAL D 193 2.08 -14.23 -36.83
C VAL D 193 2.33 -15.74 -36.99
N ASP D 194 2.18 -16.25 -38.21
CA ASP D 194 2.38 -17.68 -38.46
C ASP D 194 3.81 -18.12 -38.14
N ILE D 195 4.81 -17.29 -38.50
CA ILE D 195 6.19 -17.57 -38.09
C ILE D 195 6.33 -17.58 -36.58
N ALA D 196 5.65 -16.64 -35.91
CA ALA D 196 5.67 -16.52 -34.46
C ALA D 196 5.10 -17.79 -33.85
N ARG D 197 3.91 -18.17 -34.30
CA ARG D 197 3.25 -19.36 -33.77
C ARG D 197 4.11 -20.65 -33.86
N ASP D 198 4.94 -20.78 -34.88
CA ASP D 198 5.81 -21.98 -35.01
C ASP D 198 7.14 -21.90 -34.23
N LEU D 199 7.36 -20.84 -33.45
CA LEU D 199 8.61 -20.70 -32.69
C LEU D 199 8.58 -21.55 -31.44
N LYS D 200 9.67 -22.28 -31.24
CA LYS D 200 9.82 -23.12 -30.06
C LYS D 200 10.63 -22.28 -29.05
N PRO D 201 10.29 -22.34 -27.74
CA PRO D 201 11.04 -21.44 -26.82
C PRO D 201 12.55 -21.72 -26.81
N SER D 202 13.33 -20.71 -26.47
CA SER D 202 14.79 -20.79 -26.41
C SER D 202 15.22 -21.17 -24.97
N PRO D 203 16.54 -21.08 -24.69
CA PRO D 203 16.98 -20.96 -23.30
C PRO D 203 16.58 -19.59 -22.78
N GLU D 206 12.47 -18.03 -23.57
CA GLU D 206 11.94 -16.91 -24.34
C GLU D 206 11.65 -17.23 -25.82
N LEU D 207 10.61 -16.59 -26.36
CA LEU D 207 10.32 -16.55 -27.78
C LEU D 207 11.04 -15.34 -28.37
N GLU D 208 12.14 -15.59 -29.05
CA GLU D 208 13.09 -14.55 -29.42
C GLU D 208 12.66 -13.81 -30.72
N ILE D 209 12.74 -12.47 -30.73
CA ILE D 209 12.55 -11.69 -31.97
C ILE D 209 13.67 -12.03 -33.00
N THR D 210 14.85 -12.44 -32.54
CA THR D 210 15.89 -12.82 -33.49
C THR D 210 15.56 -14.12 -34.27
N ASP D 211 14.84 -15.06 -33.65
CA ASP D 211 14.38 -16.24 -34.39
C ASP D 211 13.41 -15.82 -35.44
N VAL D 212 12.49 -14.91 -35.10
CA VAL D 212 11.52 -14.39 -36.09
C VAL D 212 12.30 -13.82 -37.25
N ASN D 213 13.25 -12.94 -36.95
CA ASN D 213 14.04 -12.36 -38.04
C ASN D 213 14.95 -13.38 -38.74
N ARG D 214 15.50 -14.38 -38.03
CA ARG D 214 16.29 -15.38 -38.74
C ARG D 214 15.46 -16.16 -39.78
N ALA D 215 14.21 -16.46 -39.44
CA ALA D 215 13.33 -17.23 -40.34
C ALA D 215 13.14 -16.46 -41.63
N TYR D 216 12.91 -15.14 -41.54
CA TYR D 216 12.85 -14.34 -42.75
C TYR D 216 14.20 -14.34 -43.51
N LEU D 217 15.33 -14.39 -42.80
CA LEU D 217 16.63 -14.37 -43.47
C LEU D 217 16.79 -15.66 -44.24
N GLU D 218 16.52 -16.77 -43.57
CA GLU D 218 16.58 -18.11 -44.18
C GLU D 218 15.68 -18.29 -45.41
N ARG D 219 14.58 -17.53 -45.47
CA ARG D 219 13.74 -17.47 -46.68
C ARG D 219 14.22 -16.42 -47.68
N GLY D 220 15.36 -15.77 -47.42
CA GLY D 220 15.80 -14.61 -48.25
C GLY D 220 14.85 -13.41 -48.25
N GLN D 221 14.13 -13.17 -47.16
CA GLN D 221 13.14 -12.07 -47.15
C GLN D 221 13.39 -10.96 -46.08
N LEU D 222 14.62 -10.90 -45.59
CA LEU D 222 15.02 -9.89 -44.63
C LEU D 222 15.84 -8.78 -45.30
N SER D 223 15.26 -7.61 -45.41
CA SER D 223 16.04 -6.41 -45.67
C SER D 223 16.66 -5.88 -44.36
N VAL D 224 17.98 -5.74 -44.36
CA VAL D 224 18.69 -5.15 -43.27
C VAL D 224 19.20 -3.83 -43.78
N GLU D 225 18.49 -2.74 -43.45
CA GLU D 225 18.91 -1.40 -43.83
C GLU D 225 19.82 -0.78 -42.78
N ILE D 226 20.88 -0.11 -43.24
CA ILE D 226 21.83 0.50 -42.29
C ILE D 226 21.28 1.82 -41.78
N MET D 227 21.25 1.96 -40.44
CA MET D 227 21.02 3.23 -39.80
C MET D 227 22.38 3.87 -39.49
N GLY D 228 22.70 4.97 -40.15
CA GLY D 228 24.06 5.50 -40.13
C GLY D 228 24.49 6.12 -38.79
N ARG D 229 25.79 6.27 -38.66
CA ARG D 229 26.40 6.96 -37.55
C ARG D 229 25.87 8.39 -37.31
N GLY D 230 25.30 8.98 -38.33
CA GLY D 230 24.65 10.26 -38.17
C GLY D 230 23.28 10.26 -37.55
N TYR D 231 22.74 9.07 -37.22
CA TYR D 231 21.54 8.96 -36.39
C TYR D 231 21.93 8.66 -34.92
N ALA D 232 21.17 9.21 -33.99
CA ALA D 232 21.19 8.74 -32.64
C ALA D 232 20.14 7.63 -32.44
N TRP D 233 20.61 6.43 -32.06
CA TRP D 233 19.76 5.39 -31.48
C TRP D 233 20.14 5.16 -30.06
N LEU D 234 19.27 5.52 -29.11
CA LEU D 234 19.58 5.28 -27.67
C LEU D 234 18.72 4.28 -26.97
N ASP D 235 19.34 3.76 -25.95
CA ASP D 235 18.77 2.70 -25.15
C ASP D 235 18.53 3.31 -23.78
N THR D 236 17.32 3.22 -23.26
CA THR D 236 17.02 3.77 -21.94
C THR D 236 16.80 2.68 -20.92
N GLY D 237 17.64 1.64 -20.94
CA GLY D 237 17.37 0.46 -20.15
C GLY D 237 18.03 0.38 -18.77
N THR D 238 19.17 1.07 -18.58
CA THR D 238 19.82 1.18 -17.28
C THR D 238 19.57 2.57 -16.74
N HIS D 239 19.75 2.77 -15.44
CA HIS D 239 19.73 4.11 -14.88
C HIS D 239 20.73 4.99 -15.53
N ASP D 240 21.90 4.48 -15.84
CA ASP D 240 22.94 5.32 -16.50
C ASP D 240 22.52 5.76 -17.92
N SER D 241 21.95 4.86 -18.70
CA SER D 241 21.66 5.22 -20.09
C SER D 241 20.45 6.15 -20.16
N LEU D 242 19.53 5.97 -19.21
CA LEU D 242 18.35 6.81 -19.06
C LEU D 242 18.76 8.23 -18.74
N LEU D 243 19.83 8.35 -17.99
CA LEU D 243 20.39 9.64 -17.70
C LEU D 243 21.07 10.23 -18.91
N GLU D 244 21.84 9.40 -19.62
CA GLU D 244 22.53 9.83 -20.85
C GLU D 244 21.55 10.37 -21.88
N ALA D 245 20.40 9.72 -21.95
CA ALA D 245 19.40 10.07 -22.99
C ALA D 245 18.72 11.40 -22.68
N GLY D 246 18.48 11.64 -21.40
CA GLY D 246 17.89 12.90 -20.97
C GLY D 246 18.80 14.05 -21.25
N GLN D 247 20.07 13.94 -20.85
CA GLN D 247 21.10 14.93 -21.16
CA GLN D 247 21.05 15.00 -21.18
C GLN D 247 21.10 15.20 -22.67
N PHE D 248 21.04 14.12 -23.43
CA PHE D 248 21.11 14.20 -24.90
C PHE D 248 19.93 14.96 -25.55
N ILE D 249 18.70 14.61 -25.15
CA ILE D 249 17.52 15.30 -25.62
C ILE D 249 17.58 16.74 -25.15
N ALA D 250 17.84 16.96 -23.85
CA ALA D 250 17.87 18.35 -23.27
C ALA D 250 18.89 19.27 -23.97
N THR D 251 20.07 18.77 -24.27
CA THR D 251 21.03 19.54 -25.09
C THR D 251 20.45 19.95 -26.49
N LEU D 252 19.81 19.02 -27.21
CA LEU D 252 19.17 19.35 -28.48
C LEU D 252 18.02 20.37 -28.30
N GLU D 253 17.10 20.11 -27.38
CA GLU D 253 15.96 20.96 -27.24
C GLU D 253 16.36 22.35 -26.81
N ASN D 254 17.29 22.48 -25.87
CA ASN D 254 17.68 23.83 -25.37
C ASN D 254 18.52 24.62 -26.35
N ARG D 255 19.10 23.92 -27.30
CA ARG D 255 19.79 24.56 -28.36
C ARG D 255 18.81 25.15 -29.38
N GLN D 256 17.78 24.36 -29.74
CA GLN D 256 16.98 24.58 -30.93
C GLN D 256 15.68 25.30 -30.64
N GLY D 257 15.25 25.26 -29.38
CA GLY D 257 13.88 25.63 -29.07
C GLY D 257 12.86 24.77 -29.82
N LEU D 258 13.26 23.56 -30.24
CA LEU D 258 12.35 22.60 -30.85
C LEU D 258 12.43 21.29 -30.08
N LYS D 259 11.32 20.58 -29.92
CA LYS D 259 11.32 19.36 -29.14
C LYS D 259 11.52 18.17 -30.02
N VAL D 260 12.22 17.17 -29.50
CA VAL D 260 12.30 15.86 -30.10
C VAL D 260 11.14 14.98 -29.65
N ALA D 261 10.55 14.27 -30.60
CA ALA D 261 9.55 13.23 -30.31
C ALA D 261 8.34 13.72 -29.50
N CYS D 262 7.84 14.91 -29.82
CA CYS D 262 6.58 15.41 -29.30
C CYS D 262 5.44 14.89 -30.17
N PRO D 263 4.59 13.95 -29.63
CA PRO D 263 3.52 13.35 -30.38
C PRO D 263 2.54 14.36 -30.98
N GLU D 264 2.17 15.38 -30.23
CA GLU D 264 1.22 16.35 -30.72
C GLU D 264 1.74 17.04 -31.97
N GLU D 265 3.01 17.40 -31.95
CA GLU D 265 3.63 18.07 -33.07
C GLU D 265 3.67 17.16 -34.28
N ILE D 266 4.00 15.90 -34.07
CA ILE D 266 4.03 14.97 -35.19
C ILE D 266 2.63 14.85 -35.74
N ALA D 267 1.63 14.74 -34.86
CA ALA D 267 0.25 14.65 -35.34
C ALA D 267 -0.10 15.87 -36.14
N TYR D 268 0.24 17.04 -35.61
CA TYR D 268 -0.14 18.27 -36.29
C TYR D 268 0.50 18.39 -37.66
N ARG D 269 1.78 18.03 -37.78
CA ARG D 269 2.49 18.22 -39.04
C ARG D 269 2.11 17.19 -40.07
N GLN D 270 1.69 16.00 -39.62
CA GLN D 270 1.18 14.96 -40.53
C GLN D 270 -0.27 15.21 -40.94
N LYS D 271 -0.86 16.27 -40.39
CA LYS D 271 -2.22 16.72 -40.69
C LYS D 271 -3.26 15.74 -40.13
N TRP D 272 -2.92 15.06 -39.05
CA TRP D 272 -3.85 14.17 -38.37
C TRP D 272 -4.71 14.89 -37.38
N ILE D 273 -4.29 16.09 -36.98
CA ILE D 273 -5.11 16.98 -36.16
C ILE D 273 -4.89 18.40 -36.72
N ASP D 274 -5.90 19.25 -36.58
CA ASP D 274 -5.84 20.61 -37.17
C ASP D 274 -5.44 21.64 -36.12
N ALA D 275 -5.27 22.90 -36.50
CA ALA D 275 -4.93 23.94 -35.51
C ALA D 275 -5.93 24.04 -34.35
N ALA D 276 -7.20 23.86 -34.63
CA ALA D 276 -8.17 24.01 -33.55
C ALA D 276 -7.91 22.95 -32.48
N GLN D 277 -7.67 21.71 -32.92
CA GLN D 277 -7.42 20.62 -31.97
C GLN D 277 -6.09 20.79 -31.25
N LEU D 278 -5.05 21.19 -31.96
CA LEU D 278 -3.79 21.47 -31.30
C LEU D 278 -3.98 22.54 -30.23
N GLU D 279 -4.80 23.56 -30.49
CA GLU D 279 -5.03 24.62 -29.49
C GLU D 279 -5.71 24.02 -28.25
N LYS D 280 -6.68 23.13 -28.45
CA LYS D 280 -7.36 22.50 -27.31
C LYS D 280 -6.42 21.64 -26.47
N LEU D 281 -5.46 20.97 -27.11
CA LEU D 281 -4.45 20.21 -26.37
C LEU D 281 -3.50 21.11 -25.61
N ALA D 282 -3.25 22.32 -26.14
CA ALA D 282 -2.33 23.26 -25.50
C ALA D 282 -2.91 23.91 -24.25
N ALA D 283 -4.23 24.16 -24.25
CA ALA D 283 -4.89 24.87 -23.15
C ALA D 283 -4.57 24.34 -21.75
N PRO D 284 -4.89 23.09 -21.48
CA PRO D 284 -4.65 22.60 -20.11
C PRO D 284 -3.18 22.55 -19.66
N LEU D 285 -2.21 22.82 -20.54
CA LEU D 285 -0.79 22.89 -20.14
C LEU D 285 -0.20 24.26 -20.37
N ALA D 286 -1.06 25.27 -20.58
CA ALA D 286 -0.65 26.64 -20.94
C ALA D 286 0.38 27.29 -20.02
N LYS D 287 0.34 26.96 -18.74
CA LYS D 287 1.23 27.57 -17.77
C LYS D 287 2.56 26.83 -17.65
N ASN D 288 2.83 25.87 -18.53
CA ASN D 288 4.16 25.26 -18.57
C ASN D 288 4.77 25.30 -19.97
N GLY D 289 6.07 24.98 -20.03
CA GLY D 289 6.85 25.07 -21.25
C GLY D 289 6.24 24.28 -22.39
N TYR D 290 5.69 23.11 -22.07
CA TYR D 290 5.19 22.19 -23.09
C TYR D 290 3.94 22.76 -23.73
N GLY D 291 2.99 23.18 -22.91
CA GLY D 291 1.85 23.92 -23.40
C GLY D 291 2.27 25.14 -24.20
N GLN D 292 3.23 25.91 -23.70
CA GLN D 292 3.64 27.13 -24.42
C GLN D 292 4.24 26.71 -25.78
N TYR D 293 4.99 25.61 -25.79
CA TYR D 293 5.56 25.08 -27.01
C TYR D 293 4.50 24.64 -28.01
N LEU D 294 3.46 23.94 -27.56
CA LEU D 294 2.38 23.57 -28.49
C LEU D 294 1.68 24.81 -29.08
N LYS D 295 1.43 25.80 -28.24
CA LYS D 295 0.88 27.07 -28.67
C LYS D 295 1.77 27.67 -29.77
N ARG D 296 3.04 27.87 -29.48
CA ARG D 296 3.96 28.50 -30.45
C ARG D 296 4.00 27.79 -31.78
N LEU D 297 3.73 26.49 -31.82
CA LEU D 297 3.70 25.78 -33.11
C LEU D 297 2.59 26.28 -34.04
N LEU D 298 1.55 26.87 -33.47
CA LEU D 298 0.43 27.36 -34.28
C LEU D 298 0.82 28.58 -35.09
N THR D 299 1.79 29.35 -34.63
CA THR D 299 2.18 30.64 -35.26
C THR D 299 3.67 30.76 -35.54
N GLU D 300 4.30 29.66 -35.95
CA GLU D 300 5.69 29.68 -36.43
C GLU D 300 5.85 28.72 -37.60
N THR D 301 6.60 29.13 -38.61
CA THR D 301 6.95 28.22 -39.66
C THR D 301 8.23 27.55 -39.20
N VAL D 302 8.22 26.22 -39.13
CA VAL D 302 9.43 25.43 -38.87
C VAL D 302 9.71 24.58 -40.10
N TYR D 303 10.87 24.76 -40.71
CA TYR D 303 11.31 23.97 -41.86
C TYR D 303 11.86 22.60 -41.43
CAW 942 E . -14.73 -21.23 -10.88
CAX 942 E . -15.84 -21.67 -9.98
CAV 942 E . -15.40 -21.51 -8.48
CAU 942 E . -16.18 -22.53 -7.67
NAQ 942 E . -16.35 -22.05 -6.25
CAR 942 E . -17.61 -21.63 -5.86
NAS 942 E . -18.68 -21.63 -6.68
CAP 942 E . -15.31 -21.99 -5.37
OAO 942 E . -14.20 -22.36 -5.73
NAG 942 E . -15.47 -21.49 -4.05
CAH 942 E . -16.77 -21.07 -3.66
OAA 942 E . -16.96 -20.67 -2.52
CAI 942 E . -17.82 -21.12 -4.59
NAJ 942 E . -19.08 -20.80 -4.17
CAB 942 E . -20.03 -21.92 -3.87
OAT 942 E . -20.69 -19.58 -3.28
CAE 942 E . -17.20 -17.09 -5.10
CAD 942 E . -17.66 -15.97 -4.43
CAL 942 E . -18.67 -16.16 -3.51
CAM 942 E . -19.28 -17.36 -3.28
CAK 942 E . -19.52 -19.65 -3.69
CAN 942 E . -18.82 -18.47 -3.95
CAF 942 E . -17.79 -18.34 -4.89
CL CL F . -22.67 -25.21 -6.46
O1 MES G . -39.40 -11.89 -11.51
C2 MES G . -38.04 -11.80 -11.91
C3 MES G . -37.73 -10.35 -12.28
N4 MES G . -38.65 -9.34 -11.69
C5 MES G . -39.00 -9.72 -10.32
C6 MES G . -39.67 -11.10 -10.31
C7 MES G . -38.03 -8.00 -11.76
C8 MES G . -37.61 -7.62 -13.22
S MES G . -37.48 -5.98 -13.63
O1S MES G . -38.17 -5.02 -12.75
O2S MES G . -38.23 -5.89 -14.89
O3S MES G . -36.05 -5.63 -13.78
CAW 942 H . 23.91 6.40 9.99
CAX 942 H . 25.20 6.66 9.15
CAV 942 H . 24.59 6.95 7.75
CAU 942 H . 25.74 7.21 6.89
NAQ 942 H . 25.25 7.77 5.59
CAR 942 H . 25.48 9.06 5.26
NAS 942 H . 26.04 9.84 6.18
CAP 942 H . 24.69 6.97 4.71
OAO 942 H . 24.56 5.79 4.97
NAG 942 H . 24.25 7.42 3.48
CAH 942 H . 24.41 8.76 3.13
OAA 942 H . 24.00 9.16 2.02
CAI 942 H . 24.99 9.60 4.07
NAJ 942 H . 25.25 10.84 3.72
CAB 942 H . 26.68 11.12 3.36
OAT 942 H . 24.90 12.87 2.89
CAE 942 H . 20.94 11.02 4.69
CAD 942 H . 20.16 11.81 3.81
CAL 942 H . 20.80 12.55 2.80
CAM 942 H . 22.19 12.50 2.68
CAK 942 H . 24.38 11.81 3.32
CAN 942 H . 22.97 11.76 3.52
CAF 942 H . 22.34 11.04 4.51
CL CL I . 30.69 11.68 6.00
O1 MES J . 26.66 32.75 11.27
C2 MES J . 25.45 33.18 10.62
C3 MES J . 24.14 33.02 11.42
N4 MES J . 24.16 32.36 12.77
C5 MES J . 25.52 32.07 13.25
C6 MES J . 26.48 31.65 12.14
C7 MES J . 23.44 33.13 13.84
C8 MES J . 22.05 33.64 13.44
S MES J . 20.83 33.39 14.57
O1S MES J . 21.21 33.82 15.93
O2S MES J . 20.56 31.97 14.83
O3S MES J . 19.63 34.12 14.06
CAW 942 K . -14.15 -4.73 40.36
CAX 942 K . -15.38 -4.51 39.47
CAV 942 K . -15.42 -5.79 38.62
CAU 942 K . -16.86 -5.95 38.17
NAQ 942 K . -16.85 -6.63 36.84
CAR 942 K . -16.68 -7.98 36.82
NAS 942 K . -16.49 -8.71 37.93
CAP 942 K . -16.98 -5.93 35.70
OAO 942 K . -17.14 -4.69 35.70
NAG 942 K . -16.93 -6.60 34.50
CAH 942 K . -16.75 -8.00 34.43
OAA 942 K . -16.73 -8.58 33.34
CAI 942 K . -16.62 -8.68 35.62
NAJ 942 K . -16.49 -10.03 35.64
CAB 942 K . -17.63 -10.92 36.09
OAT 942 K . -15.50 -11.97 35.41
CAE 942 K . -12.55 -8.36 34.97
CAD 942 K . -11.80 -8.99 33.98
CAL 942 K . -12.28 -10.17 33.44
CAM 942 K . -13.47 -10.71 33.90
CAK 942 K . -15.40 -10.74 35.31
CAN 942 K . -14.23 -10.11 34.90
CAF 942 K . -13.74 -8.94 35.42
CL CL L . -19.68 -12.17 40.21
O1 MES M . -5.27 -28.14 45.50
C2 MES M . -4.31 -28.36 44.48
C3 MES M . -2.96 -28.04 45.08
N4 MES M . -2.85 -26.63 45.50
C5 MES M . -4.00 -26.26 46.37
C6 MES M . -5.35 -26.75 45.85
C7 MES M . -1.57 -26.46 46.24
C8 MES M . -0.75 -25.26 45.72
S MES M . 0.89 -25.58 45.62
O1S MES M . 1.53 -24.32 45.15
O2S MES M . 1.21 -26.76 44.74
O3S MES M . 1.39 -25.87 46.99
CAW 942 N . 6.19 14.59 -39.44
CAX 942 N . 7.27 15.63 -39.64
CAV 942 N . 7.67 16.27 -38.26
CAU 942 N . 9.16 16.07 -38.10
NAQ 942 N . 9.75 15.94 -36.70
CAR 942 N . 10.96 15.26 -36.60
NAS 942 N . 11.59 14.67 -37.63
CAP 942 N . 9.21 16.44 -35.56
OAO 942 N . 8.15 17.08 -35.57
NAG 942 N . 9.86 16.27 -34.32
CAH 942 N . 11.09 15.57 -34.23
OAA 942 N . 11.65 15.37 -33.17
CAI 942 N . 11.61 15.05 -35.41
NAJ 942 N . 12.77 14.41 -35.44
CAB 942 N . 13.99 15.18 -35.78
OAT 942 N . 14.13 12.72 -35.25
CAE 942 N . 9.73 11.38 -34.83
CAD 942 N . 10.07 10.46 -33.87
CAL 942 N . 11.36 10.49 -33.37
CAM 942 N . 12.27 11.40 -33.83
CAK 942 N . 12.97 13.16 -35.19
CAN 942 N . 11.94 12.32 -34.79
CAF 942 N . 10.66 12.31 -35.29
CL CL O . 15.66 17.01 -40.22
O1 MES P . 24.48 -1.32 -47.27
C2 MES P . 23.04 -1.28 -47.28
C3 MES P . 22.39 -2.68 -47.47
N4 MES P . 23.35 -3.82 -47.29
C5 MES P . 24.13 -3.50 -46.06
C6 MES P . 25.03 -2.27 -46.32
C7 MES P . 22.70 -5.18 -47.22
C8 MES P . 21.17 -5.26 -47.40
S MES P . 20.59 -6.82 -47.31
O1S MES P . 20.33 -7.17 -48.73
O2S MES P . 19.31 -6.97 -46.57
O3S MES P . 21.57 -7.72 -46.66
#